data_3JBD
#
_entry.id   3JBD
#
_cell.length_a   1
_cell.length_b   1
_cell.length_c   1
_cell.angle_alpha   90
_cell.angle_beta   90
_cell.angle_gamma   90
#
_symmetry.space_group_name_H-M   'P 1'
#
loop_
_entity.id
_entity.type
_entity.pdbx_description
1 polymer 'Capsid protein VP1'
2 polymer 'Capsid protein VP2'
3 polymer 'Capsid protein VP3'
4 polymer 'Capsid protein VP4'
5 polymer 'nanobody VHH PVSP6A'
6 non-polymer 'PALMITIC ACID'
#
loop_
_entity_poly.entity_id
_entity_poly.type
_entity_poly.pdbx_seq_one_letter_code
_entity_poly.pdbx_strand_id
1 'polypeptide(L)'
;GLGQMLESMIDNTVRETVGAATSRDALPNTEASGPTHSKEIPALTAVETGATNPLVPSDTVQTRHVVQHRSRSESSIESF
FARGACVTIMTVDNPASTTNKDKLFAVWKITYKDTVQLRRKLEFFTYSRFDMELTFVVTANFTETNNGHALNQVYQIMYV
PPGAPVPEKWDDYTWQTSSNPSIFYTYGTAPARISVPYVGISNAYSHFYDGFSKVPLKDQSAALGDSLYGAASLNDFGIL
AVRVVNDHNPTKVTSKIRVYLKPKHIRVWCPRPPRAVAYYGPGVDYKDGTLTPLSTKDLTTY
;
1
2 'polypeptide(L)'
;SPNIEACGYSDRVLQLTLGNSTITTQEAANSVVAYGRWPEYLRDSEANPVDQPTEPDVAACRFYTLDTVSWTKESRGWWW
KLPDALRDMGLFGQNMYYHYLGRSGYTVHVQCNASKFHQGALGVFAVPEMCLAGDSNTTTMHTSYQNANPGEKGGTFTGT
FTPDNNQTSPARRFCPVDYLLGNGTLLGNAFVFPHQIINLRTNNCATLVLPYVNSLSIDSMVKHNNWGIAILPLAPLNFA
SESSPEIPITLTIAPMCCEFNGLRNITLPRLQ
;
2
3 'polypeptide(L)'
;GLPVMNTPGSNQYLTADNFQSPCALPEFDVTPPIDIPGEVKNMMELAEIDTMIPFDLSATKKNTMEMYRVRLSDKPHTDD
PILCLSLSPASDPRLSHTMLGEILNYYTHWAGSLKFTFLFCGSMMATGKLLVSYAPPGADPPKKRKEAMLGTHVIWDIGL
QSSCTMVVPWISNTTYRQTIDDSFTEGGYISVFYQTRIVVPLSTPREMDILGFVSACNDFSVRLLRDTTHIEQKALA
;
3
4 'polypeptide(L)' (MYR)GAQVSSQKVGAHENSNRAYGGSTINYTTINYYRDSASNAASKQDFSQDPSKFTEPIKDVLIKTAPMLN 4
5 'polypeptide(L)'
;QVQLQESGGGSAQTGGSLRLSCAASGFTFSHGYMAWFRQAPEKEREWVACVRTSGVSAYYADSVLGRFTISQDNAKSTLY
LQMNNLKPEDTAMYYCAATSISCSSGYMFWGQGTQVTVSSHHHHHH
;
7
#
loop_
_chem_comp.id
_chem_comp.type
_chem_comp.name
_chem_comp.formula
MYR non-polymer 'MYRISTIC ACID' 'C14 H28 O2'
PLM non-polymer 'PALMITIC ACID' 'C16 H32 O2'
#
# COMPACT_ATOMS: atom_id res chain seq x y z
N ALA A 20 -4.42 -5.07 -26.83
CA ALA A 20 -3.91 -4.10 -27.84
C ALA A 20 -3.80 -2.64 -27.36
N ALA A 21 -4.43 -2.38 -26.23
CA ALA A 21 -4.40 -1.06 -25.64
C ALA A 21 -3.08 -0.88 -24.89
N THR A 22 -2.16 -0.17 -25.52
CA THR A 22 -0.85 0.04 -24.95
C THR A 22 -0.78 1.06 -23.79
N SER A 23 0.41 1.17 -23.24
CA SER A 23 0.67 2.06 -22.15
C SER A 23 0.55 3.53 -22.54
N ARG A 24 1.10 3.86 -23.70
CA ARG A 24 1.06 5.23 -24.16
C ARG A 24 -0.18 5.65 -24.97
N ASP A 25 -1.28 5.00 -24.66
CA ASP A 25 -2.54 5.31 -25.32
C ASP A 25 -3.27 6.50 -24.70
N ALA A 26 -3.93 7.26 -25.54
CA ALA A 26 -4.72 8.38 -25.06
C ALA A 26 -5.91 7.79 -24.32
N LEU A 27 -6.29 8.43 -23.23
CA LEU A 27 -7.40 7.95 -22.45
C LEU A 27 -8.77 8.23 -23.06
N PRO A 28 -9.76 7.45 -22.68
CA PRO A 28 -11.10 7.64 -23.22
C PRO A 28 -11.61 9.08 -23.08
N ASN A 29 -12.19 9.57 -24.15
CA ASN A 29 -12.72 10.92 -24.17
C ASN A 29 -13.94 11.21 -23.29
N THR A 30 -14.18 12.50 -23.09
CA THR A 30 -15.29 12.94 -22.30
C THR A 30 -16.41 13.32 -23.28
N GLU A 31 -17.50 12.58 -23.19
CA GLU A 31 -18.63 12.80 -24.06
C GLU A 31 -19.59 13.86 -23.56
N ALA A 32 -20.04 14.71 -24.46
CA ALA A 32 -20.97 15.76 -24.08
C ALA A 32 -22.35 15.18 -23.78
N SER A 33 -22.79 15.37 -22.55
CA SER A 33 -24.09 14.87 -22.14
C SER A 33 -24.92 15.99 -21.50
N GLY A 34 -26.18 16.04 -21.89
CA GLY A 34 -27.06 17.05 -21.39
C GLY A 34 -27.95 16.73 -20.20
N PRO A 35 -28.98 17.53 -20.00
CA PRO A 35 -29.89 17.31 -18.88
C PRO A 35 -30.63 15.98 -18.90
N THR A 36 -30.98 15.50 -17.73
CA THR A 36 -31.68 14.24 -17.63
C THR A 36 -32.75 14.07 -16.52
N HIS A 37 -33.74 13.26 -16.85
CA HIS A 37 -34.84 13.01 -15.97
C HIS A 37 -35.41 11.63 -16.33
N SER A 38 -34.65 10.61 -15.98
CA SER A 38 -35.06 9.25 -16.31
C SER A 38 -34.91 8.17 -15.22
N LYS A 39 -35.60 7.07 -15.45
CA LYS A 39 -35.55 5.96 -14.51
C LYS A 39 -34.23 5.20 -14.31
N GLU A 40 -33.17 5.72 -14.91
CA GLU A 40 -31.87 5.10 -14.80
C GLU A 40 -31.09 5.77 -13.66
N ILE A 41 -30.41 4.93 -12.89
CA ILE A 41 -29.66 5.45 -11.75
C ILE A 41 -28.18 5.19 -11.62
N PRO A 42 -27.39 6.04 -12.30
CA PRO A 42 -25.94 5.91 -12.17
C PRO A 42 -25.56 6.21 -10.73
N ALA A 43 -26.21 7.21 -10.17
CA ALA A 43 -25.91 7.62 -8.81
C ALA A 43 -26.12 6.66 -7.63
N LEU A 44 -27.04 5.74 -7.81
CA LEU A 44 -27.30 4.77 -6.76
C LEU A 44 -26.67 3.38 -6.96
N THR A 45 -26.01 2.93 -5.91
CA THR A 45 -25.31 1.68 -5.92
C THR A 45 -25.40 0.95 -4.55
N ALA A 46 -24.54 -0.04 -4.41
CA ALA A 46 -24.48 -0.81 -3.19
C ALA A 46 -23.10 -1.46 -3.04
N VAL A 47 -22.27 -0.81 -2.26
CA VAL A 47 -20.92 -1.31 -2.04
C VAL A 47 -20.84 -2.56 -1.12
N GLU A 48 -21.94 -3.28 -1.10
CA GLU A 48 -22.01 -4.51 -0.35
C GLU A 48 -21.55 -5.60 -1.32
N THR A 49 -21.84 -5.37 -2.58
CA THR A 49 -21.47 -6.29 -3.63
C THR A 49 -19.96 -6.41 -3.83
N GLY A 50 -19.22 -5.56 -3.14
CA GLY A 50 -17.78 -5.55 -3.24
C GLY A 50 -17.33 -4.74 -4.46
N ALA A 51 -18.23 -4.65 -5.44
CA ALA A 51 -17.94 -3.95 -6.67
C ALA A 51 -17.97 -2.40 -6.61
N THR A 52 -17.01 -1.82 -7.30
CA THR A 52 -16.88 -0.41 -7.38
C THR A 52 -17.81 0.10 -8.50
N ASN A 53 -18.54 1.15 -8.19
CA ASN A 53 -19.46 1.73 -9.13
C ASN A 53 -18.64 2.48 -10.17
N PRO A 54 -18.72 2.05 -11.41
CA PRO A 54 -17.92 2.65 -12.46
C PRO A 54 -18.52 3.83 -13.24
N LEU A 55 -18.35 5.01 -12.69
CA LEU A 55 -18.88 6.19 -13.30
C LEU A 55 -17.84 7.17 -13.87
N VAL A 56 -18.33 8.12 -14.63
CA VAL A 56 -17.49 9.14 -15.21
C VAL A 56 -18.31 10.43 -15.11
N PRO A 57 -17.63 11.54 -14.99
CA PRO A 57 -18.33 12.81 -14.84
C PRO A 57 -19.71 12.99 -15.50
N SER A 58 -19.77 12.63 -16.77
CA SER A 58 -21.00 12.73 -17.50
C SER A 58 -22.22 12.07 -16.85
N ASP A 59 -21.94 11.02 -16.11
CA ASP A 59 -22.99 10.29 -15.43
C ASP A 59 -23.76 11.09 -14.38
N THR A 60 -23.06 12.03 -13.75
CA THR A 60 -23.67 12.83 -12.71
C THR A 60 -23.88 14.31 -12.96
N VAL A 61 -23.08 14.87 -13.85
CA VAL A 61 -23.22 16.28 -14.18
C VAL A 61 -23.12 16.53 -15.68
N GLN A 62 -23.67 17.66 -16.10
CA GLN A 62 -23.63 18.00 -17.51
C GLN A 62 -22.19 18.30 -17.94
N THR A 63 -21.82 17.72 -19.07
CA THR A 63 -20.47 17.87 -19.56
C THR A 63 -20.43 18.23 -21.06
N ARG A 64 -19.29 18.75 -21.47
CA ARG A 64 -19.08 19.09 -22.85
C ARG A 64 -18.22 17.97 -23.43
N HIS A 65 -17.87 18.09 -24.69
CA HIS A 65 -17.03 17.09 -25.32
C HIS A 65 -15.56 17.44 -25.09
N VAL A 66 -14.80 16.45 -24.68
CA VAL A 66 -13.38 16.66 -24.42
C VAL A 66 -12.46 15.59 -25.02
N VAL A 67 -11.60 16.05 -25.91
CA VAL A 67 -10.63 15.18 -26.54
C VAL A 67 -9.56 15.00 -25.47
N GLN A 68 -9.51 13.80 -24.92
CA GLN A 68 -8.54 13.50 -23.89
C GLN A 68 -7.13 13.33 -24.45
N HIS A 69 -6.19 14.01 -23.83
CA HIS A 69 -4.81 13.93 -24.25
C HIS A 69 -3.89 13.11 -23.38
N ARG A 70 -4.11 13.17 -22.08
CA ARG A 70 -3.28 12.44 -21.15
C ARG A 70 -3.30 10.91 -21.35
N SER A 71 -2.20 10.30 -21.00
CA SER A 71 -2.06 8.87 -21.12
C SER A 71 -1.57 8.31 -19.79
N ARG A 72 -1.68 7.01 -19.63
CA ARG A 72 -1.23 6.37 -18.41
C ARG A 72 0.24 5.91 -18.54
N SER A 73 0.81 6.22 -19.68
CA SER A 73 2.17 5.86 -19.99
C SER A 73 3.15 5.56 -18.87
N GLU A 74 3.30 6.51 -17.96
CA GLU A 74 4.27 6.33 -16.89
C GLU A 74 3.88 5.38 -15.76
N SER A 75 2.59 5.19 -15.60
CA SER A 75 2.08 4.34 -14.54
C SER A 75 2.06 2.83 -14.75
N SER A 76 2.66 2.40 -15.85
CA SER A 76 2.72 0.99 -16.16
C SER A 76 3.68 0.27 -15.22
N ILE A 77 3.31 -0.95 -14.86
CA ILE A 77 4.12 -1.73 -13.96
C ILE A 77 5.63 -1.72 -14.24
N GLU A 78 5.97 -1.80 -15.51
CA GLU A 78 7.37 -1.79 -15.90
C GLU A 78 8.02 -0.46 -15.54
N SER A 79 7.33 0.61 -15.89
CA SER A 79 7.83 1.94 -15.59
C SER A 79 7.92 2.33 -14.13
N PHE A 80 7.02 1.77 -13.34
CA PHE A 80 7.01 2.06 -11.92
C PHE A 80 8.23 1.54 -11.15
N PHE A 81 8.89 0.56 -11.75
CA PHE A 81 10.08 0.00 -11.16
C PHE A 81 11.33 0.29 -11.98
N ALA A 82 11.18 1.15 -12.97
CA ALA A 82 12.28 1.48 -13.83
C ALA A 82 13.47 2.26 -13.24
N ARG A 83 13.46 2.39 -11.94
CA ARG A 83 14.53 3.07 -11.24
C ARG A 83 15.46 2.10 -10.52
N GLY A 84 16.72 2.48 -10.43
CA GLY A 84 17.67 1.67 -9.69
C GLY A 84 17.48 2.04 -8.24
N ALA A 85 17.75 1.10 -7.35
CA ALA A 85 17.58 1.38 -5.94
C ALA A 85 18.64 0.73 -5.03
N CYS A 86 19.14 1.53 -4.11
CA CYS A 86 20.14 1.06 -3.18
C CYS A 86 19.63 -0.04 -2.26
N VAL A 87 20.14 -1.24 -2.46
CA VAL A 87 19.71 -2.37 -1.66
C VAL A 87 20.57 -2.60 -0.41
N THR A 88 21.85 -2.32 -0.55
CA THR A 88 22.78 -2.55 0.53
C THR A 88 24.10 -1.79 0.38
N ILE A 89 24.76 -1.59 1.51
CA ILE A 89 26.05 -0.93 1.51
C ILE A 89 27.06 -1.90 2.15
N MET A 90 27.91 -2.44 1.30
CA MET A 90 28.92 -3.37 1.75
C MET A 90 30.26 -2.69 2.01
N THR A 91 30.80 -2.94 3.19
CA THR A 91 32.04 -2.31 3.59
C THR A 91 33.22 -3.30 3.70
N VAL A 92 34.32 -2.91 3.08
CA VAL A 92 35.51 -3.72 3.11
C VAL A 92 36.69 -2.76 3.29
N ASP A 93 37.82 -3.31 3.68
CA ASP A 93 39.01 -2.48 3.85
C ASP A 93 40.32 -3.23 3.56
N ASN A 94 41.38 -2.46 3.40
CA ASN A 94 42.68 -3.03 3.15
C ASN A 94 43.67 -2.38 4.11
N PRO A 95 43.95 -3.08 5.20
CA PRO A 95 44.84 -2.55 6.21
C PRO A 95 46.32 -2.89 5.98
N ALA A 96 47.15 -2.36 6.85
CA ALA A 96 48.58 -2.61 6.76
C ALA A 96 48.95 -4.04 7.15
N SER A 97 49.99 -4.54 6.50
CA SER A 97 50.43 -5.90 6.75
C SER A 97 50.74 -6.29 8.20
N THR A 98 51.30 -5.33 8.93
CA THR A 98 51.66 -5.55 10.30
C THR A 98 50.47 -5.66 11.27
N THR A 99 49.35 -5.13 10.83
CA THR A 99 48.17 -5.10 11.66
C THR A 99 47.63 -6.41 12.36
N ASN A 100 46.94 -6.15 13.45
CA ASN A 100 46.36 -7.15 14.26
C ASN A 100 45.05 -7.74 13.70
N LYS A 101 44.20 -6.83 13.25
CA LYS A 101 42.92 -7.21 12.72
C LYS A 101 43.08 -7.68 11.27
N ASP A 102 42.20 -8.59 10.88
CA ASP A 102 42.22 -9.10 9.53
C ASP A 102 41.63 -8.08 8.52
N LYS A 103 42.01 -8.30 7.27
CA LYS A 103 41.55 -7.48 6.19
C LYS A 103 40.04 -7.71 6.04
N LEU A 104 39.30 -6.63 6.17
CA LEU A 104 37.86 -6.72 6.11
C LEU A 104 37.26 -7.05 4.73
N PHE A 105 36.58 -8.19 4.69
CA PHE A 105 35.92 -8.62 3.49
C PHE A 105 34.48 -8.99 3.88
N ALA A 106 33.55 -8.32 3.22
CA ALA A 106 32.15 -8.50 3.53
C ALA A 106 31.39 -9.61 2.79
N VAL A 107 30.34 -10.08 3.44
CA VAL A 107 29.48 -11.09 2.90
C VAL A 107 28.06 -10.64 3.26
N TRP A 108 27.27 -10.41 2.22
CA TRP A 108 25.91 -9.95 2.40
C TRP A 108 24.87 -10.90 1.78
N LYS A 109 23.87 -11.20 2.57
CA LYS A 109 22.81 -12.09 2.12
C LYS A 109 21.89 -11.29 1.19
N ILE A 110 21.89 -11.69 -0.06
CA ILE A 110 21.10 -11.00 -1.07
C ILE A 110 19.59 -10.94 -0.85
N THR A 111 19.14 -9.78 -0.42
CA THR A 111 17.72 -9.57 -0.20
C THR A 111 17.33 -8.09 -0.29
N TYR A 112 16.17 -7.85 -0.87
CA TYR A 112 15.68 -6.50 -1.02
C TYR A 112 15.14 -5.84 0.26
N LYS A 113 15.00 -6.67 1.28
CA LYS A 113 14.46 -6.21 2.54
C LYS A 113 15.36 -5.58 3.62
N ASP A 114 16.54 -5.18 3.19
CA ASP A 114 17.48 -4.58 4.10
C ASP A 114 17.26 -3.05 4.15
N THR A 115 16.75 -2.55 3.04
CA THR A 115 16.46 -1.16 2.91
C THR A 115 14.94 -1.02 2.87
N VAL A 116 14.47 0.19 3.03
CA VAL A 116 13.03 0.41 3.06
C VAL A 116 12.34 0.71 1.74
N GLN A 117 12.84 1.71 1.05
CA GLN A 117 12.24 2.14 -0.19
C GLN A 117 11.78 1.10 -1.22
N LEU A 118 12.75 0.42 -1.80
CA LEU A 118 12.43 -0.59 -2.80
C LEU A 118 11.48 -1.69 -2.32
N ARG A 119 11.66 -2.06 -1.06
CA ARG A 119 10.85 -3.08 -0.45
C ARG A 119 9.34 -2.76 -0.49
N ARG A 120 9.02 -1.59 0.00
CA ARG A 120 7.64 -1.15 0.04
C ARG A 120 7.02 -1.13 -1.36
N LYS A 121 7.82 -0.73 -2.33
CA LYS A 121 7.36 -0.72 -3.70
C LYS A 121 7.03 -2.14 -4.19
N LEU A 122 7.90 -3.06 -3.81
CA LEU A 122 7.71 -4.45 -4.15
C LEU A 122 6.57 -5.09 -3.36
N GLU A 123 6.25 -4.47 -2.24
CA GLU A 123 5.17 -4.98 -1.40
C GLU A 123 3.76 -4.60 -1.85
N PHE A 124 3.69 -3.84 -2.92
CA PHE A 124 2.40 -3.48 -3.48
C PHE A 124 1.64 -4.65 -4.09
N PHE A 125 2.31 -5.79 -4.12
CA PHE A 125 1.72 -6.98 -4.69
C PHE A 125 2.11 -8.25 -3.93
N THR A 126 1.47 -9.35 -4.29
CA THR A 126 1.72 -10.60 -3.64
C THR A 126 2.87 -11.43 -4.22
N TYR A 127 3.03 -11.33 -5.53
CA TYR A 127 4.08 -12.07 -6.21
C TYR A 127 4.63 -11.29 -7.41
N SER A 128 5.84 -11.63 -7.79
CA SER A 128 6.48 -10.99 -8.91
C SER A 128 7.54 -11.82 -9.65
N ARG A 129 7.83 -11.39 -10.86
CA ARG A 129 8.85 -12.01 -11.66
C ARG A 129 9.58 -10.84 -12.31
N PHE A 130 10.89 -10.86 -12.23
CA PHE A 130 11.70 -9.81 -12.82
C PHE A 130 13.16 -10.22 -13.02
N ASP A 131 13.68 -9.88 -14.18
CA ASP A 131 15.07 -10.11 -14.48
C ASP A 131 15.70 -9.00 -13.65
N MET A 132 16.72 -9.37 -12.89
CA MET A 132 17.34 -8.42 -11.99
C MET A 132 18.69 -7.79 -12.37
N GLU A 133 18.69 -6.47 -12.38
CA GLU A 133 19.88 -5.71 -12.68
C GLU A 133 20.49 -5.11 -11.39
N LEU A 134 21.77 -5.39 -11.22
CA LEU A 134 22.49 -4.87 -10.09
C LEU A 134 23.58 -3.92 -10.56
N THR A 135 23.76 -2.84 -9.81
CA THR A 135 24.78 -1.87 -10.13
C THR A 135 25.67 -1.75 -8.89
N PHE A 136 26.95 -1.53 -9.13
CA PHE A 136 27.90 -1.39 -8.05
C PHE A 136 28.71 -0.08 -8.01
N VAL A 137 28.39 0.74 -7.02
CA VAL A 137 29.05 2.00 -6.85
C VAL A 137 30.02 1.89 -5.66
N VAL A 138 31.29 1.89 -5.99
CA VAL A 138 32.32 1.77 -4.99
C VAL A 138 32.90 3.13 -4.66
N THR A 139 33.24 3.33 -3.40
CA THR A 139 33.83 4.58 -2.96
C THR A 139 34.82 4.34 -1.81
N ALA A 140 36.04 4.79 -2.02
CA ALA A 140 37.08 4.62 -1.04
C ALA A 140 37.76 5.87 -0.44
N ASN A 141 38.43 5.65 0.68
CA ASN A 141 39.12 6.71 1.37
C ASN A 141 40.12 6.17 2.37
N PHE A 142 40.96 7.04 2.88
CA PHE A 142 41.93 6.64 3.89
C PHE A 142 41.25 6.84 5.25
N THR A 143 41.90 6.35 6.28
CA THR A 143 41.32 6.48 7.62
C THR A 143 42.24 7.12 8.70
N GLU A 144 43.47 6.66 8.70
CA GLU A 144 44.46 7.11 9.62
C GLU A 144 45.10 8.42 9.16
N THR A 145 45.42 9.26 10.14
CA THR A 145 46.05 10.53 9.82
C THR A 145 47.49 10.19 9.40
N ASN A 146 47.72 10.33 8.10
CA ASN A 146 49.02 10.07 7.54
C ASN A 146 48.94 10.48 6.06
N ASN A 147 50.10 10.71 5.49
CA ASN A 147 50.20 11.11 4.11
C ASN A 147 50.58 9.98 3.16
N GLY A 148 50.38 8.76 3.63
CA GLY A 148 50.73 7.59 2.84
C GLY A 148 50.01 7.39 1.51
N HIS A 149 50.44 6.40 0.77
CA HIS A 149 49.86 6.14 -0.53
C HIS A 149 49.31 4.75 -0.88
N ALA A 150 48.20 4.76 -1.60
CA ALA A 150 47.57 3.53 -2.02
C ALA A 150 47.32 3.63 -3.52
N LEU A 151 47.79 2.64 -4.25
CA LEU A 151 47.58 2.63 -5.68
C LEU A 151 46.15 2.18 -5.97
N ASN A 152 45.59 2.72 -7.04
CA ASN A 152 44.23 2.42 -7.41
C ASN A 152 43.86 0.96 -7.13
N GLN A 153 42.82 0.80 -6.33
CA GLN A 153 42.39 -0.52 -5.92
C GLN A 153 41.32 -1.24 -6.74
N VAL A 154 41.49 -2.55 -6.83
CA VAL A 154 40.57 -3.39 -7.57
C VAL A 154 39.66 -4.05 -6.55
N TYR A 155 38.49 -4.48 -7.02
CA TYR A 155 37.55 -5.15 -6.15
C TYR A 155 36.80 -6.28 -6.84
N GLN A 156 36.84 -7.44 -6.20
CA GLN A 156 36.14 -8.60 -6.73
C GLN A 156 34.79 -8.71 -6.00
N ILE A 157 33.76 -8.98 -6.78
CA ILE A 157 32.44 -9.14 -6.25
C ILE A 157 32.10 -10.55 -6.71
N MET A 158 32.18 -11.49 -5.78
CA MET A 158 31.86 -12.86 -6.09
C MET A 158 30.49 -13.28 -5.55
N TYR A 159 29.66 -13.76 -6.45
CA TYR A 159 28.35 -14.25 -6.08
C TYR A 159 28.48 -15.72 -5.66
N VAL A 160 28.14 -15.96 -4.41
CA VAL A 160 28.19 -17.30 -3.87
C VAL A 160 26.75 -17.78 -3.76
N PRO A 161 26.36 -18.66 -4.66
CA PRO A 161 25.01 -19.19 -4.64
C PRO A 161 24.83 -20.06 -3.42
N PRO A 162 23.60 -20.29 -3.03
CA PRO A 162 23.38 -21.14 -1.85
C PRO A 162 24.16 -22.45 -1.92
N GLY A 163 24.78 -22.80 -0.81
CA GLY A 163 25.54 -24.03 -0.75
C GLY A 163 27.00 -24.01 -1.17
N ALA A 164 27.36 -23.02 -1.96
CA ALA A 164 28.74 -22.90 -2.41
C ALA A 164 29.64 -22.46 -1.26
N PRO A 165 30.92 -22.80 -1.38
CA PRO A 165 31.84 -22.46 -0.29
C PRO A 165 32.04 -20.95 -0.03
N VAL A 166 31.62 -20.54 1.14
CA VAL A 166 31.75 -19.14 1.51
C VAL A 166 33.16 -18.89 2.01
N PRO A 167 33.80 -17.88 1.47
CA PRO A 167 35.15 -17.55 1.88
C PRO A 167 35.32 -17.20 3.36
N GLU A 168 36.32 -17.80 3.96
CA GLU A 168 36.59 -17.59 5.37
C GLU A 168 37.77 -16.62 5.56
N LYS A 169 38.61 -16.54 4.55
CA LYS A 169 39.75 -15.66 4.57
C LYS A 169 39.65 -14.78 3.35
N TRP A 170 40.44 -13.73 3.33
CA TRP A 170 40.42 -12.83 2.18
C TRP A 170 41.31 -13.37 1.07
N ASP A 171 42.13 -14.34 1.42
CA ASP A 171 43.05 -14.92 0.47
C ASP A 171 43.03 -16.45 0.33
N ASP A 172 41.90 -17.02 0.69
CA ASP A 172 41.76 -18.47 0.60
C ASP A 172 41.29 -18.97 -0.78
N TYR A 173 41.31 -20.27 -0.93
CA TYR A 173 40.94 -20.89 -2.19
C TYR A 173 39.66 -20.43 -2.89
N THR A 174 38.66 -20.10 -2.10
CA THR A 174 37.38 -19.70 -2.66
C THR A 174 37.35 -18.64 -3.76
N TRP A 175 38.32 -17.75 -3.72
CA TRP A 175 38.38 -16.69 -4.72
C TRP A 175 38.81 -17.07 -6.14
N GLN A 176 39.02 -18.36 -6.32
CA GLN A 176 39.37 -18.87 -7.63
C GLN A 176 38.17 -18.84 -8.60
N THR A 177 37.00 -18.85 -8.01
CA THR A 177 35.77 -18.77 -8.74
C THR A 177 35.65 -19.51 -10.07
N SER A 178 35.96 -20.79 -10.02
CA SER A 178 35.89 -21.62 -11.21
C SER A 178 34.48 -21.81 -11.78
N SER A 179 33.50 -21.58 -10.93
CA SER A 179 32.12 -21.73 -11.33
C SER A 179 31.21 -20.54 -10.96
N ASN A 180 31.66 -19.78 -9.99
CA ASN A 180 30.93 -18.62 -9.54
C ASN A 180 31.11 -17.45 -10.48
N PRO A 181 30.08 -16.62 -10.58
CA PRO A 181 30.17 -15.44 -11.41
C PRO A 181 30.65 -14.19 -10.66
N SER A 182 31.84 -13.77 -11.02
CA SER A 182 32.43 -12.61 -10.37
C SER A 182 32.70 -11.40 -11.27
N ILE A 183 32.92 -10.27 -10.63
CA ILE A 183 33.17 -9.04 -11.35
C ILE A 183 34.34 -8.27 -10.71
N PHE A 184 35.43 -8.18 -11.44
CA PHE A 184 36.58 -7.43 -10.97
C PHE A 184 36.46 -5.97 -11.38
N TYR A 185 36.14 -5.15 -10.40
CA TYR A 185 35.97 -3.73 -10.64
C TYR A 185 37.24 -2.96 -10.32
N THR A 186 37.66 -2.15 -11.27
CA THR A 186 38.82 -1.31 -11.08
C THR A 186 38.24 0.05 -10.65
N TYR A 187 38.79 0.57 -9.57
CA TYR A 187 38.33 1.82 -9.02
C TYR A 187 38.54 3.02 -9.94
N GLY A 188 37.53 3.87 -10.01
CA GLY A 188 37.59 5.05 -10.84
C GLY A 188 36.83 4.97 -12.16
N THR A 189 36.60 3.75 -12.60
CA THR A 189 35.86 3.54 -13.83
C THR A 189 34.37 3.53 -13.49
N ALA A 190 33.56 3.53 -14.53
CA ALA A 190 32.11 3.51 -14.33
C ALA A 190 31.58 2.38 -13.47
N PRO A 191 30.56 2.68 -12.68
CA PRO A 191 30.00 1.66 -11.82
C PRO A 191 29.74 0.29 -12.47
N ALA A 192 29.93 -0.74 -11.68
CA ALA A 192 29.75 -2.10 -12.17
C ALA A 192 28.31 -2.59 -12.29
N ARG A 193 28.07 -3.37 -13.33
CA ARG A 193 26.73 -3.88 -13.57
C ARG A 193 26.59 -5.27 -14.18
N ILE A 194 25.74 -6.08 -13.57
CA ILE A 194 25.47 -7.41 -14.07
C ILE A 194 23.98 -7.76 -14.12
N SER A 195 23.64 -8.60 -15.09
CA SER A 195 22.27 -9.03 -15.26
C SER A 195 22.02 -10.43 -14.70
N VAL A 196 20.93 -10.55 -13.96
CA VAL A 196 20.55 -11.82 -13.39
C VAL A 196 19.10 -12.02 -13.74
N PRO A 197 18.79 -13.14 -14.37
CA PRO A 197 17.40 -13.40 -14.75
C PRO A 197 16.50 -13.73 -13.56
N TYR A 198 15.25 -14.06 -13.85
CA TYR A 198 14.34 -14.50 -12.81
C TYR A 198 14.89 -15.86 -12.38
N VAL A 199 15.51 -15.87 -11.22
CA VAL A 199 16.10 -17.11 -10.72
C VAL A 199 15.34 -17.88 -9.65
N GLY A 200 14.07 -17.58 -9.53
CA GLY A 200 13.24 -18.21 -8.53
C GLY A 200 12.88 -19.70 -8.68
N ILE A 201 12.83 -20.37 -7.54
CA ILE A 201 12.51 -21.76 -7.51
C ILE A 201 11.00 -22.03 -7.67
N SER A 202 10.24 -20.96 -7.54
CA SER A 202 8.81 -21.03 -7.66
C SER A 202 8.41 -20.41 -8.98
N ASN A 203 7.12 -20.40 -9.26
CA ASN A 203 6.65 -19.81 -10.50
C ASN A 203 6.38 -18.28 -10.38
N ALA A 204 6.86 -17.74 -9.29
CA ALA A 204 6.76 -16.35 -9.00
C ALA A 204 7.56 -16.15 -7.72
N TYR A 205 8.13 -14.96 -7.57
CA TYR A 205 8.85 -14.65 -6.36
C TYR A 205 7.77 -14.33 -5.32
N SER A 206 8.01 -14.78 -4.10
CA SER A 206 7.05 -14.56 -3.04
C SER A 206 7.41 -13.50 -2.00
N HIS A 207 6.69 -12.40 -2.05
CA HIS A 207 6.92 -11.33 -1.10
C HIS A 207 6.46 -11.64 0.33
N PHE A 208 5.39 -12.42 0.41
CA PHE A 208 4.84 -12.80 1.68
C PHE A 208 4.52 -14.27 1.63
N TYR A 209 5.01 -15.01 2.62
CA TYR A 209 4.76 -16.44 2.67
C TYR A 209 4.17 -16.89 4.00
N ASP A 210 2.85 -16.99 4.01
CA ASP A 210 2.14 -17.40 5.19
C ASP A 210 2.27 -18.93 5.43
N GLY A 211 3.38 -19.27 6.05
CA GLY A 211 3.68 -20.65 6.35
C GLY A 211 5.07 -20.92 6.93
N PHE A 212 5.29 -22.16 7.30
CA PHE A 212 6.56 -22.57 7.85
C PHE A 212 7.28 -23.61 7.01
N SER A 213 8.60 -23.59 7.09
CA SER A 213 9.39 -24.54 6.34
C SER A 213 9.28 -25.99 6.83
N LYS A 214 9.14 -26.12 8.13
CA LYS A 214 9.00 -27.42 8.74
C LYS A 214 7.59 -27.65 9.27
N VAL A 215 7.29 -28.90 9.56
CA VAL A 215 6.01 -29.26 10.11
C VAL A 215 6.35 -29.90 11.43
N PRO A 216 5.74 -29.43 12.49
CA PRO A 216 6.01 -30.02 13.81
C PRO A 216 5.16 -31.28 14.01
N LEU A 217 5.81 -32.42 13.83
CA LEU A 217 5.15 -33.70 13.98
C LEU A 217 4.96 -34.07 15.44
N LYS A 218 4.03 -34.96 15.70
CA LYS A 218 3.79 -35.40 17.06
C LYS A 218 4.76 -36.45 17.61
N ASP A 219 5.33 -37.21 16.69
CA ASP A 219 6.28 -38.22 17.05
C ASP A 219 7.69 -37.60 17.02
N GLN A 220 7.71 -36.28 17.11
CA GLN A 220 8.96 -35.56 17.08
C GLN A 220 8.96 -34.47 18.17
N SER A 221 10.16 -34.08 18.56
CA SER A 221 10.29 -33.05 19.58
C SER A 221 10.05 -31.66 19.00
N ALA A 222 9.36 -30.84 19.78
CA ALA A 222 9.06 -29.49 19.36
C ALA A 222 10.20 -28.71 18.69
N ALA A 223 11.39 -28.96 19.17
CA ALA A 223 12.57 -28.34 18.65
C ALA A 223 12.85 -28.79 17.21
N LEU A 224 12.75 -30.09 17.01
CA LEU A 224 12.97 -30.66 15.70
C LEU A 224 12.00 -30.21 14.63
N GLY A 225 10.79 -29.88 15.05
CA GLY A 225 9.78 -29.43 14.11
C GLY A 225 9.51 -27.94 14.00
N ASP A 226 10.34 -27.16 14.68
CA ASP A 226 10.16 -25.73 14.70
C ASP A 226 10.94 -24.95 13.64
N SER A 227 10.33 -23.87 13.18
CA SER A 227 10.95 -23.01 12.18
C SER A 227 10.36 -21.59 12.25
N LEU A 228 10.80 -20.77 11.33
CA LEU A 228 10.30 -19.40 11.27
C LEU A 228 8.96 -19.14 10.58
N TYR A 229 8.32 -18.06 10.99
CA TYR A 229 7.06 -17.69 10.40
C TYR A 229 7.23 -16.64 9.28
N GLY A 230 6.94 -17.08 8.07
CA GLY A 230 7.08 -16.23 6.92
C GLY A 230 8.28 -16.53 6.03
N ALA A 231 9.07 -17.49 6.49
CA ALA A 231 10.27 -17.86 5.77
C ALA A 231 10.10 -19.12 4.91
N ALA A 232 10.79 -19.12 3.79
CA ALA A 232 10.75 -20.27 2.89
C ALA A 232 12.05 -21.02 3.12
N SER A 233 13.08 -20.61 2.40
CA SER A 233 14.39 -21.21 2.55
C SER A 233 15.23 -20.08 3.13
N LEU A 234 15.96 -20.40 4.19
CA LEU A 234 16.83 -19.42 4.80
C LEU A 234 17.71 -18.83 3.71
N ASN A 235 18.31 -19.69 2.91
CA ASN A 235 19.14 -19.22 1.83
C ASN A 235 18.29 -19.26 0.54
N ASP A 236 17.76 -18.10 0.22
CA ASP A 236 16.93 -17.96 -0.95
C ASP A 236 17.63 -17.67 -2.27
N PHE A 237 18.67 -16.87 -2.21
CA PHE A 237 19.37 -16.50 -3.43
C PHE A 237 20.89 -16.59 -3.36
N GLY A 238 21.41 -16.60 -2.15
CA GLY A 238 22.84 -16.70 -1.94
C GLY A 238 23.43 -15.42 -1.34
N ILE A 239 24.75 -15.38 -1.31
CA ILE A 239 25.44 -14.24 -0.77
C ILE A 239 26.45 -13.69 -1.79
N LEU A 240 26.73 -12.41 -1.65
CA LEU A 240 27.74 -11.79 -2.48
C LEU A 240 28.94 -11.68 -1.54
N ALA A 241 30.12 -11.74 -2.12
CA ALA A 241 31.33 -11.61 -1.34
C ALA A 241 32.18 -10.59 -2.08
N VAL A 242 32.62 -9.57 -1.36
CA VAL A 242 33.42 -8.54 -1.97
C VAL A 242 34.72 -8.35 -1.20
N ARG A 243 35.82 -8.29 -1.93
CA ARG A 243 37.12 -8.11 -1.34
C ARG A 243 38.05 -7.23 -2.18
N VAL A 244 38.98 -6.59 -1.49
CA VAL A 244 39.97 -5.78 -2.17
C VAL A 244 40.91 -6.86 -2.70
N VAL A 245 41.21 -6.75 -3.98
CA VAL A 245 42.09 -7.72 -4.62
C VAL A 245 43.57 -7.43 -4.36
N ASN A 246 43.90 -6.16 -4.35
CA ASN A 246 45.27 -5.75 -4.09
C ASN A 246 45.67 -6.12 -2.67
N ASP A 247 46.92 -6.52 -2.52
CA ASP A 247 47.41 -6.91 -1.20
C ASP A 247 47.72 -5.76 -0.24
N HIS A 248 47.99 -6.14 1.00
CA HIS A 248 48.27 -5.17 2.03
C HIS A 248 49.12 -3.95 1.66
N ASN A 249 48.66 -2.80 2.11
CA ASN A 249 49.33 -1.56 1.84
C ASN A 249 49.59 -0.84 3.15
N PRO A 250 50.81 -0.36 3.32
CA PRO A 250 51.15 0.33 4.55
C PRO A 250 50.22 1.41 5.12
N THR A 251 49.34 1.91 4.28
CA THR A 251 48.38 2.91 4.71
C THR A 251 46.98 2.33 4.50
N LYS A 252 46.21 2.35 5.56
CA LYS A 252 44.86 1.80 5.53
C LYS A 252 43.83 2.51 4.61
N VAL A 253 43.15 1.70 3.84
CA VAL A 253 42.14 2.19 2.93
C VAL A 253 40.83 1.38 3.04
N THR A 254 39.79 2.09 3.43
CA THR A 254 38.49 1.49 3.58
C THR A 254 37.67 1.79 2.34
N SER A 255 36.77 0.88 2.03
CA SER A 255 35.94 1.02 0.85
C SER A 255 34.46 0.66 1.09
N LYS A 256 33.60 1.40 0.41
CA LYS A 256 32.18 1.13 0.48
C LYS A 256 31.54 0.87 -0.88
N ILE A 257 31.06 -0.34 -1.05
CA ILE A 257 30.43 -0.73 -2.29
C ILE A 257 28.92 -0.64 -2.11
N ARG A 258 28.32 0.22 -2.91
CA ARG A 258 26.89 0.40 -2.87
C ARG A 258 26.19 -0.32 -4.04
N VAL A 259 25.24 -1.15 -3.68
CA VAL A 259 24.53 -1.94 -4.67
C VAL A 259 23.17 -1.32 -5.03
N TYR A 260 22.96 -1.17 -6.32
CA TYR A 260 21.72 -0.60 -6.82
C TYR A 260 20.96 -1.55 -7.77
N LEU A 261 19.78 -1.94 -7.32
CA LEU A 261 18.98 -2.88 -8.07
C LEU A 261 17.81 -2.24 -8.84
N LYS A 262 17.67 -2.65 -10.08
CA LYS A 262 16.59 -2.16 -10.91
C LYS A 262 15.86 -3.36 -11.48
N PRO A 263 14.69 -3.64 -10.94
CA PRO A 263 13.93 -4.79 -11.42
C PRO A 263 13.35 -4.57 -12.81
N LYS A 264 13.91 -5.27 -13.78
CA LYS A 264 13.43 -5.16 -15.15
C LYS A 264 12.57 -6.35 -15.59
N HIS A 265 11.80 -6.12 -16.64
CA HIS A 265 10.91 -7.13 -17.16
C HIS A 265 10.09 -7.69 -15.98
N ILE A 266 9.39 -6.77 -15.33
CA ILE A 266 8.61 -7.14 -14.17
C ILE A 266 7.10 -7.37 -14.34
N ARG A 267 6.64 -8.43 -13.68
CA ARG A 267 5.24 -8.78 -13.69
C ARG A 267 4.89 -8.92 -12.21
N VAL A 268 3.64 -8.71 -11.90
CA VAL A 268 3.19 -8.82 -10.52
C VAL A 268 1.77 -9.37 -10.41
N TRP A 269 1.42 -9.82 -9.22
CA TRP A 269 0.09 -10.36 -9.00
C TRP A 269 -0.56 -10.05 -7.65
N CYS A 270 -1.87 -9.88 -7.68
CA CYS A 270 -2.62 -9.57 -6.48
C CYS A 270 -2.11 -8.43 -5.61
N PRO A 271 -2.71 -7.27 -5.77
CA PRO A 271 -2.31 -6.10 -4.99
C PRO A 271 -2.61 -6.21 -3.49
N ARG A 272 -1.74 -5.59 -2.71
CA ARG A 272 -1.89 -5.61 -1.26
C ARG A 272 -1.74 -4.20 -0.74
N PRO A 273 -2.44 -3.88 0.33
CA PRO A 273 -2.35 -2.54 0.88
C PRO A 273 -0.91 -2.17 1.19
N PRO A 274 -0.53 -0.94 0.88
CA PRO A 274 0.85 -0.53 1.14
C PRO A 274 1.16 -0.38 2.62
N ARG A 275 2.39 -0.72 2.97
CA ARG A 275 2.84 -0.65 4.33
C ARG A 275 2.56 0.71 4.99
N ALA A 276 1.82 0.66 6.09
CA ALA A 276 1.48 1.87 6.80
C ALA A 276 2.44 2.30 7.90
N VAL A 277 2.98 1.32 8.61
CA VAL A 277 3.91 1.59 9.68
C VAL A 277 5.30 1.05 9.36
N ALA A 278 6.31 1.72 9.90
CA ALA A 278 7.68 1.33 9.65
C ALA A 278 8.00 -0.16 9.80
N TYR A 279 8.90 -0.62 8.94
CA TYR A 279 9.32 -2.00 8.98
C TYR A 279 10.13 -2.40 10.22
N TYR A 280 9.98 -3.64 10.60
CA TYR A 280 10.66 -4.16 11.76
C TYR A 280 11.00 -5.65 11.51
N GLY A 281 12.24 -5.87 11.11
CA GLY A 281 12.70 -7.20 10.81
C GLY A 281 12.33 -7.54 9.38
N PRO A 282 12.63 -8.76 8.98
CA PRO A 282 12.29 -9.17 7.62
C PRO A 282 10.82 -9.54 7.45
N GLY A 283 10.15 -9.72 8.58
CA GLY A 283 8.76 -10.09 8.56
C GLY A 283 7.72 -8.98 8.31
N VAL A 284 6.49 -9.28 8.70
CA VAL A 284 5.41 -8.37 8.53
C VAL A 284 5.19 -7.61 9.86
N ASP A 285 5.84 -8.14 10.89
CA ASP A 285 5.75 -7.61 12.21
C ASP A 285 6.01 -6.11 12.41
N TYR A 286 5.31 -5.55 13.38
CA TYR A 286 5.46 -4.15 13.70
C TYR A 286 5.85 -3.88 15.16
N LYS A 287 6.78 -2.95 15.31
CA LYS A 287 7.26 -2.58 16.62
C LYS A 287 6.31 -1.55 17.24
N ASP A 288 6.31 -1.51 18.56
CA ASP A 288 5.49 -0.55 19.26
C ASP A 288 6.22 0.79 19.24
N GLY A 289 5.43 1.85 19.29
CA GLY A 289 5.98 3.18 19.24
C GLY A 289 6.02 3.76 17.82
N THR A 290 5.44 3.00 16.91
CA THR A 290 5.39 3.38 15.52
C THR A 290 3.99 3.07 14.94
N LEU A 291 3.10 2.75 15.85
CA LEU A 291 1.76 2.38 15.49
C LEU A 291 0.80 3.54 15.24
N THR A 292 1.37 4.69 14.95
CA THR A 292 0.59 5.88 14.71
C THR A 292 0.95 6.64 13.44
N PRO A 293 0.28 6.30 12.36
CA PRO A 293 0.56 6.95 11.09
C PRO A 293 -0.20 8.18 10.65
N LEU A 294 -1.48 8.22 10.98
CA LEU A 294 -2.31 9.35 10.56
C LEU A 294 -2.36 10.44 11.63
N SER A 295 -2.21 11.66 11.18
CA SER A 295 -2.21 12.79 12.10
C SER A 295 -3.57 13.35 12.54
N THR A 296 -3.51 14.43 13.28
CA THR A 296 -4.71 15.06 13.78
C THR A 296 -5.40 15.99 12.78
N LYS A 297 -6.69 15.78 12.60
CA LYS A 297 -7.46 16.61 11.70
C LYS A 297 -8.92 16.58 12.14
N ASP A 298 -9.50 17.75 12.27
CA ASP A 298 -10.89 17.86 12.69
C ASP A 298 -11.86 17.58 11.51
N LEU A 299 -12.87 16.80 11.81
CA LEU A 299 -13.85 16.41 10.83
C LEU A 299 -14.51 17.49 9.96
N THR A 300 -14.70 18.64 10.58
CA THR A 300 -15.31 19.75 9.88
C THR A 300 -14.35 20.93 9.64
N THR A 301 -13.13 20.57 9.31
CA THR A 301 -12.11 21.55 9.04
C THR A 301 -11.44 21.15 7.71
N TYR A 302 -11.55 22.04 6.74
CA TYR A 302 -10.99 21.80 5.44
C TYR A 302 -9.46 21.80 5.45
N ALA B 6 -39.99 -10.40 -14.30
CA ALA B 6 -40.98 -11.35 -14.91
C ALA B 6 -41.23 -12.61 -14.07
N CYS B 7 -40.24 -13.48 -14.06
CA CYS B 7 -40.33 -14.71 -13.31
C CYS B 7 -39.91 -14.50 -11.84
N GLY B 8 -39.33 -13.34 -11.60
CA GLY B 8 -38.89 -12.98 -10.28
C GLY B 8 -37.47 -13.28 -9.82
N TYR B 9 -36.57 -13.40 -10.78
CA TYR B 9 -35.19 -13.68 -10.45
C TYR B 9 -34.45 -12.48 -9.85
N SER B 10 -33.87 -12.70 -8.70
CA SER B 10 -33.19 -11.63 -7.99
C SER B 10 -31.73 -11.88 -7.56
N ASP B 11 -31.06 -10.78 -7.29
CA ASP B 11 -29.68 -10.81 -6.89
C ASP B 11 -29.52 -11.23 -5.41
N ARG B 12 -30.58 -10.97 -4.66
CA ARG B 12 -30.61 -11.27 -3.26
C ARG B 12 -30.87 -12.76 -3.01
N VAL B 13 -31.63 -13.36 -3.91
CA VAL B 13 -31.98 -14.75 -3.77
C VAL B 13 -30.95 -15.65 -4.45
N LEU B 14 -30.16 -16.32 -3.64
CA LEU B 14 -29.15 -17.21 -4.17
C LEU B 14 -29.11 -18.64 -3.62
N GLN B 15 -29.06 -19.59 -4.53
CA GLN B 15 -28.99 -20.99 -4.15
C GLN B 15 -27.72 -21.69 -4.70
N LEU B 16 -26.80 -21.92 -3.80
CA LEU B 16 -25.55 -22.56 -4.16
C LEU B 16 -25.58 -24.02 -3.75
N THR B 17 -25.01 -24.86 -4.60
CA THR B 17 -25.01 -26.29 -4.31
C THR B 17 -23.66 -26.95 -4.62
N LEU B 18 -23.16 -27.66 -3.62
CA LEU B 18 -21.91 -28.38 -3.78
C LEU B 18 -21.97 -29.77 -3.15
N GLY B 19 -21.94 -30.77 -4.01
CA GLY B 19 -22.00 -32.14 -3.55
C GLY B 19 -23.36 -32.58 -2.97
N ASN B 20 -23.38 -32.71 -1.66
CA ASN B 20 -24.60 -33.07 -0.98
C ASN B 20 -25.07 -31.96 -0.01
N SER B 21 -24.60 -30.77 -0.27
CA SER B 21 -24.96 -29.62 0.53
C SER B 21 -25.49 -28.45 -0.31
N THR B 22 -26.50 -27.80 0.22
CA THR B 22 -27.11 -26.69 -0.49
C THR B 22 -27.32 -25.44 0.38
N ILE B 23 -26.77 -24.33 -0.09
CA ILE B 23 -26.90 -23.08 0.62
C ILE B 23 -27.87 -22.15 -0.09
N THR B 24 -28.82 -21.64 0.67
CA THR B 24 -29.79 -20.71 0.14
C THR B 24 -29.63 -19.38 0.85
N THR B 25 -30.35 -18.39 0.36
CA THR B 25 -30.32 -17.07 0.95
C THR B 25 -31.32 -16.16 0.25
N GLN B 26 -31.92 -15.27 1.02
CA GLN B 26 -32.87 -14.33 0.45
C GLN B 26 -32.48 -12.85 0.47
N GLU B 27 -31.37 -12.58 1.13
CA GLU B 27 -30.87 -11.22 1.20
C GLU B 27 -29.36 -11.15 0.93
N ALA B 28 -29.00 -11.45 -0.30
CA ALA B 28 -27.62 -11.42 -0.69
C ALA B 28 -27.32 -10.14 -1.48
N ALA B 29 -26.05 -9.96 -1.79
CA ALA B 29 -25.63 -8.80 -2.54
C ALA B 29 -24.80 -9.29 -3.75
N ASN B 30 -25.39 -10.23 -4.47
CA ASN B 30 -24.72 -10.83 -5.60
C ASN B 30 -23.59 -11.71 -5.04
N SER B 31 -22.60 -11.96 -5.84
CA SER B 31 -21.48 -12.79 -5.42
C SER B 31 -20.11 -12.43 -6.02
N VAL B 32 -19.08 -12.72 -5.26
CA VAL B 32 -17.74 -12.39 -5.67
C VAL B 32 -16.79 -13.52 -6.12
N VAL B 33 -16.37 -13.42 -7.36
CA VAL B 33 -15.44 -14.38 -7.91
C VAL B 33 -14.10 -13.63 -7.80
N ALA B 34 -13.26 -14.11 -6.91
CA ALA B 34 -11.98 -13.51 -6.68
C ALA B 34 -11.04 -13.39 -7.90
N TYR B 35 -10.76 -12.16 -8.26
CA TYR B 35 -9.92 -11.88 -9.40
C TYR B 35 -10.50 -12.47 -10.68
N GLY B 36 -11.83 -12.54 -10.71
CA GLY B 36 -12.53 -13.06 -11.85
C GLY B 36 -12.33 -14.50 -12.31
N ARG B 37 -11.37 -15.16 -11.69
CA ARG B 37 -11.04 -16.52 -12.04
C ARG B 37 -11.80 -17.49 -11.15
N TRP B 38 -12.34 -18.51 -11.78
CA TRP B 38 -13.10 -19.52 -11.07
C TRP B 38 -12.06 -20.55 -10.70
N PRO B 39 -12.29 -21.25 -9.61
CA PRO B 39 -11.35 -22.30 -9.20
C PRO B 39 -11.30 -23.38 -10.25
N GLU B 40 -10.12 -23.94 -10.47
CA GLU B 40 -9.97 -24.95 -11.50
C GLU B 40 -8.92 -26.03 -11.25
N TYR B 41 -9.04 -27.13 -11.96
CA TYR B 41 -8.07 -28.21 -11.85
C TYR B 41 -6.80 -27.89 -12.61
N LEU B 42 -5.70 -28.48 -12.17
CA LEU B 42 -4.42 -28.23 -12.82
C LEU B 42 -4.30 -28.74 -14.27
N ARG B 43 -3.93 -27.82 -15.14
CA ARG B 43 -3.79 -28.12 -16.54
C ARG B 43 -2.40 -28.63 -16.85
N ASP B 44 -2.33 -29.60 -17.75
CA ASP B 44 -1.06 -30.19 -18.11
C ASP B 44 0.09 -29.19 -18.40
N SER B 45 -0.32 -28.00 -18.79
CA SER B 45 0.58 -26.94 -19.08
C SER B 45 1.30 -26.43 -17.82
N GLU B 46 0.57 -26.45 -16.73
CA GLU B 46 1.12 -25.98 -15.47
C GLU B 46 1.36 -27.08 -14.45
N ALA B 47 1.29 -28.32 -14.90
CA ALA B 47 1.52 -29.44 -14.01
C ALA B 47 2.95 -29.49 -13.45
N ASN B 48 3.08 -30.10 -12.29
CA ASN B 48 4.40 -30.20 -11.68
C ASN B 48 4.82 -31.53 -11.11
N PRO B 49 3.96 -32.12 -10.28
CA PRO B 49 4.32 -33.47 -9.78
C PRO B 49 3.89 -34.50 -10.81
N VAL B 50 4.74 -35.49 -11.00
CA VAL B 50 4.47 -36.50 -12.01
C VAL B 50 3.39 -37.58 -11.81
N ASP B 51 3.04 -37.79 -10.55
CA ASP B 51 2.04 -38.79 -10.22
C ASP B 51 0.59 -38.38 -10.50
N GLN B 52 -0.26 -39.39 -10.61
CA GLN B 52 -1.67 -39.16 -10.83
C GLN B 52 -2.29 -38.50 -9.60
N PRO B 53 -2.78 -37.29 -9.78
CA PRO B 53 -3.38 -36.58 -8.68
C PRO B 53 -4.73 -37.14 -8.26
N THR B 54 -5.02 -37.04 -6.97
CA THR B 54 -6.28 -37.50 -6.46
C THR B 54 -7.22 -36.31 -6.36
N GLU B 55 -8.37 -36.43 -6.99
CA GLU B 55 -9.35 -35.37 -6.97
C GLU B 55 -10.57 -35.93 -6.26
N PRO B 56 -10.69 -35.62 -4.98
CA PRO B 56 -11.79 -36.12 -4.18
C PRO B 56 -13.21 -35.73 -4.60
N ASP B 57 -13.31 -34.62 -5.30
CA ASP B 57 -14.59 -34.14 -5.78
C ASP B 57 -15.65 -34.15 -4.69
N VAL B 58 -16.80 -34.69 -5.01
CA VAL B 58 -17.90 -34.72 -4.04
C VAL B 58 -17.49 -35.07 -2.60
N ALA B 59 -16.44 -35.84 -2.49
CA ALA B 59 -15.92 -36.25 -1.21
C ALA B 59 -15.38 -35.10 -0.38
N ALA B 60 -14.85 -34.10 -1.06
CA ALA B 60 -14.29 -32.95 -0.40
C ALA B 60 -14.88 -31.61 -0.84
N CYS B 61 -15.43 -31.61 -2.03
CA CYS B 61 -16.04 -30.41 -2.56
C CYS B 61 -17.50 -30.25 -2.10
N ARG B 62 -17.61 -29.86 -0.83
CA ARG B 62 -18.89 -29.65 -0.22
C ARG B 62 -18.72 -28.65 0.92
N PHE B 63 -19.80 -27.96 1.24
CA PHE B 63 -19.76 -26.98 2.30
C PHE B 63 -19.59 -27.57 3.71
N TYR B 64 -18.67 -26.98 4.45
CA TYR B 64 -18.41 -27.40 5.80
C TYR B 64 -18.59 -26.19 6.72
N THR B 65 -19.46 -26.35 7.70
CA THR B 65 -19.74 -25.29 8.63
C THR B 65 -18.78 -25.28 9.83
N LEU B 66 -18.14 -24.15 10.04
CA LEU B 66 -17.25 -23.99 11.16
C LEU B 66 -18.09 -23.48 12.31
N ASP B 67 -17.69 -23.84 13.52
CA ASP B 67 -18.43 -23.40 14.69
C ASP B 67 -18.73 -21.89 14.65
N THR B 68 -19.92 -21.55 15.11
CA THR B 68 -20.37 -20.19 15.08
C THR B 68 -19.79 -19.26 16.15
N VAL B 69 -19.36 -18.10 15.70
CA VAL B 69 -18.82 -17.09 16.61
C VAL B 69 -19.89 -16.06 16.92
N SER B 70 -19.59 -15.22 17.91
CA SER B 70 -20.54 -14.20 18.31
C SER B 70 -20.12 -12.76 18.05
N TRP B 71 -21.11 -11.92 17.79
CA TRP B 71 -20.83 -10.52 17.55
C TRP B 71 -21.52 -9.57 18.54
N THR B 72 -20.69 -8.79 19.21
CA THR B 72 -21.15 -7.84 20.18
C THR B 72 -20.42 -6.51 19.95
N LYS B 73 -20.93 -5.47 20.60
CA LYS B 73 -20.33 -4.16 20.46
C LYS B 73 -18.83 -4.10 20.82
N GLU B 74 -18.38 -5.15 21.48
CA GLU B 74 -17.03 -5.20 21.98
C GLU B 74 -16.06 -5.80 20.95
N SER B 75 -16.62 -6.62 20.08
CA SER B 75 -15.85 -7.30 19.07
C SER B 75 -14.95 -6.44 18.16
N ARG B 76 -13.69 -6.83 18.11
CA ARG B 76 -12.73 -6.13 17.30
C ARG B 76 -12.61 -6.80 15.94
N GLY B 77 -12.54 -8.12 15.95
CA GLY B 77 -12.44 -8.88 14.72
C GLY B 77 -12.28 -10.39 14.80
N TRP B 78 -12.22 -11.01 13.64
CA TRP B 78 -12.05 -12.45 13.57
C TRP B 78 -11.28 -12.88 12.32
N TRP B 79 -10.53 -13.95 12.45
CA TRP B 79 -9.75 -14.45 11.31
C TRP B 79 -9.50 -15.97 11.23
N TRP B 80 -9.34 -16.43 10.00
CA TRP B 80 -9.08 -17.82 9.75
C TRP B 80 -8.09 -18.00 8.60
N LYS B 81 -7.64 -19.23 8.44
CA LYS B 81 -6.71 -19.54 7.36
C LYS B 81 -7.12 -20.77 6.57
N LEU B 82 -6.95 -20.69 5.26
CA LEU B 82 -7.30 -21.79 4.39
C LEU B 82 -6.05 -22.32 3.66
N PRO B 83 -5.82 -23.63 3.59
CA PRO B 83 -6.70 -24.69 4.10
C PRO B 83 -6.79 -24.96 5.59
N ASP B 84 -5.91 -24.33 6.35
CA ASP B 84 -5.91 -24.55 7.79
C ASP B 84 -7.27 -24.75 8.45
N ALA B 85 -8.12 -23.76 8.31
CA ALA B 85 -9.44 -23.80 8.91
C ALA B 85 -10.23 -25.08 8.70
N LEU B 86 -10.03 -25.70 7.55
CA LEU B 86 -10.73 -26.93 7.24
C LEU B 86 -9.90 -28.18 7.50
N ARG B 87 -8.90 -28.03 8.35
CA ARG B 87 -8.01 -29.14 8.66
C ARG B 87 -8.66 -30.41 9.23
N ASP B 88 -9.82 -30.23 9.83
CA ASP B 88 -10.53 -31.36 10.38
C ASP B 88 -12.00 -31.38 9.92
N MET B 89 -12.16 -31.36 8.61
CA MET B 89 -13.47 -31.39 8.02
C MET B 89 -13.60 -32.57 7.05
N GLY B 90 -14.23 -33.63 7.55
CA GLY B 90 -14.43 -34.82 6.76
C GLY B 90 -13.25 -35.35 5.95
N LEU B 91 -13.56 -35.79 4.74
CA LEU B 91 -12.56 -36.33 3.86
C LEU B 91 -11.52 -35.33 3.35
N PHE B 92 -11.91 -34.07 3.28
CA PHE B 92 -11.01 -33.04 2.82
C PHE B 92 -9.77 -32.98 3.71
N GLY B 93 -10.01 -33.10 5.00
CA GLY B 93 -8.94 -33.10 5.96
C GLY B 93 -8.16 -34.40 5.84
N GLN B 94 -8.90 -35.49 5.77
CA GLN B 94 -8.28 -36.80 5.66
C GLN B 94 -7.30 -36.78 4.49
N ASN B 95 -7.82 -36.43 3.32
CA ASN B 95 -6.98 -36.33 2.15
C ASN B 95 -5.84 -35.33 2.29
N MET B 96 -6.13 -34.23 2.94
CA MET B 96 -5.13 -33.21 3.18
C MET B 96 -3.95 -33.80 3.94
N TYR B 97 -4.25 -34.50 5.01
CA TYR B 97 -3.19 -35.13 5.80
C TYR B 97 -2.47 -36.29 5.14
N TYR B 98 -3.11 -36.88 4.15
CA TYR B 98 -2.49 -37.99 3.44
C TYR B 98 -1.55 -37.71 2.26
N HIS B 99 -1.47 -36.45 1.89
CA HIS B 99 -0.63 -36.07 0.77
C HIS B 99 0.39 -34.96 1.01
N TYR B 100 1.50 -35.07 0.33
CA TYR B 100 2.55 -34.07 0.44
C TYR B 100 2.17 -32.75 -0.22
N LEU B 101 1.43 -32.86 -1.31
CA LEU B 101 0.98 -31.68 -2.02
C LEU B 101 -0.55 -31.59 -2.14
N GLY B 102 -1.02 -30.37 -2.25
CA GLY B 102 -2.44 -30.12 -2.36
C GLY B 102 -2.79 -28.70 -2.77
N ARG B 103 -3.71 -28.60 -3.71
CA ARG B 103 -4.18 -27.31 -4.17
C ARG B 103 -5.70 -27.32 -4.14
N SER B 104 -6.26 -26.25 -3.60
CA SER B 104 -7.70 -26.14 -3.53
C SER B 104 -8.24 -24.70 -3.53
N GLY B 105 -9.43 -24.57 -4.07
CA GLY B 105 -10.09 -23.30 -4.13
C GLY B 105 -11.25 -23.40 -3.17
N TYR B 106 -11.93 -22.29 -2.95
CA TYR B 106 -13.03 -22.28 -2.00
C TYR B 106 -14.24 -21.40 -2.34
N THR B 107 -15.36 -21.74 -1.74
CA THR B 107 -16.57 -20.99 -1.88
C THR B 107 -16.91 -20.64 -0.42
N VAL B 108 -16.45 -19.47 -0.02
CA VAL B 108 -16.67 -19.00 1.33
C VAL B 108 -17.98 -18.22 1.43
N HIS B 109 -18.82 -18.67 2.34
CA HIS B 109 -20.10 -18.04 2.56
C HIS B 109 -20.26 -17.72 4.07
N VAL B 110 -20.34 -16.43 4.33
CA VAL B 110 -20.47 -15.96 5.70
C VAL B 110 -21.92 -15.56 5.98
N GLN B 111 -22.46 -16.11 7.05
CA GLN B 111 -23.83 -15.88 7.41
C GLN B 111 -24.07 -15.11 8.73
N CYS B 112 -24.74 -13.98 8.60
CA CYS B 112 -25.03 -13.17 9.76
C CYS B 112 -26.27 -12.26 9.62
N ASN B 113 -27.40 -12.82 10.02
CA ASN B 113 -28.65 -12.10 9.91
C ASN B 113 -29.14 -11.39 11.18
N ALA B 114 -30.06 -10.47 10.98
CA ALA B 114 -30.62 -9.71 12.08
C ALA B 114 -31.97 -9.14 11.66
N SER B 115 -32.41 -8.13 12.39
CA SER B 115 -33.68 -7.50 12.09
C SER B 115 -33.49 -6.16 11.40
N LYS B 116 -34.55 -5.70 10.76
CA LYS B 116 -34.53 -4.41 10.10
C LYS B 116 -34.31 -3.28 11.13
N PHE B 117 -34.29 -3.69 12.38
CA PHE B 117 -34.05 -2.80 13.47
C PHE B 117 -32.62 -2.88 14.01
N HIS B 118 -31.83 -3.72 13.36
CA HIS B 118 -30.43 -3.85 13.70
C HIS B 118 -29.54 -3.05 12.74
N GLN B 119 -28.39 -2.64 13.24
CA GLN B 119 -27.48 -1.86 12.41
C GLN B 119 -25.97 -2.08 12.61
N GLY B 120 -25.29 -2.15 11.50
CA GLY B 120 -23.86 -2.36 11.50
C GLY B 120 -23.35 -2.94 10.17
N ALA B 121 -22.04 -3.02 10.05
CA ALA B 121 -21.43 -3.55 8.86
C ALA B 121 -20.20 -4.42 9.15
N LEU B 122 -20.13 -5.52 8.45
CA LEU B 122 -19.02 -6.44 8.60
C LEU B 122 -18.32 -6.66 7.26
N GLY B 123 -17.04 -6.38 7.24
CA GLY B 123 -16.26 -6.55 6.04
C GLY B 123 -15.49 -7.88 6.04
N VAL B 124 -15.98 -8.80 5.23
CA VAL B 124 -15.35 -10.10 5.13
C VAL B 124 -14.33 -9.92 4.00
N PHE B 125 -13.06 -9.99 4.39
CA PHE B 125 -11.99 -9.82 3.44
C PHE B 125 -11.25 -11.13 3.14
N ALA B 126 -10.86 -11.28 1.89
CA ALA B 126 -10.12 -12.44 1.45
C ALA B 126 -8.74 -11.93 1.06
N VAL B 127 -7.74 -12.42 1.80
CA VAL B 127 -6.38 -12.02 1.56
C VAL B 127 -5.53 -13.25 1.25
N PRO B 128 -5.01 -13.31 0.04
CA PRO B 128 -4.16 -14.44 -0.32
C PRO B 128 -2.86 -14.17 0.43
N GLU B 129 -2.39 -15.18 1.14
CA GLU B 129 -1.17 -15.04 1.92
C GLU B 129 -1.39 -14.01 3.02
N MET B 130 -2.40 -14.24 3.83
CA MET B 130 -2.70 -13.31 4.91
C MET B 130 -1.74 -13.51 6.09
N CYS B 131 -0.60 -12.85 5.98
CA CYS B 131 0.41 -12.93 7.00
C CYS B 131 0.00 -11.95 8.10
N LEU B 132 0.06 -12.43 9.33
CA LEU B 132 -0.28 -11.60 10.46
C LEU B 132 0.94 -11.29 11.30
N ALA B 133 0.86 -10.21 12.06
CA ALA B 133 2.00 -9.78 12.85
C ALA B 133 2.21 -10.38 14.26
N GLY B 134 3.47 -10.40 14.65
CA GLY B 134 3.84 -10.96 15.93
C GLY B 134 3.49 -10.16 17.18
N ASP B 135 3.76 -10.76 18.32
CA ASP B 135 3.45 -10.14 19.60
C ASP B 135 4.65 -9.77 20.45
N SER B 136 5.82 -9.88 19.86
CA SER B 136 7.05 -9.58 20.59
C SER B 136 7.86 -8.41 20.06
N ASN B 137 8.30 -7.57 20.97
CA ASN B 137 9.15 -6.44 20.60
C ASN B 137 10.64 -6.83 20.65
N THR B 138 10.87 -8.12 20.82
CA THR B 138 12.22 -8.63 20.89
C THR B 138 12.51 -9.66 19.80
N THR B 139 11.49 -10.40 19.43
CA THR B 139 11.68 -11.44 18.42
C THR B 139 10.70 -11.40 17.24
N THR B 140 11.24 -11.05 16.09
CA THR B 140 10.46 -11.00 14.88
C THR B 140 10.11 -12.40 14.39
N MET B 141 9.03 -12.49 13.64
CA MET B 141 8.60 -13.75 13.08
C MET B 141 8.75 -14.92 14.07
N HIS B 142 8.19 -14.71 15.25
CA HIS B 142 8.33 -15.71 16.31
C HIS B 142 7.11 -16.54 16.73
N THR B 143 5.99 -16.27 16.09
CA THR B 143 4.78 -17.00 16.38
C THR B 143 4.96 -18.47 16.03
N SER B 144 4.64 -19.32 16.99
CA SER B 144 4.79 -20.75 16.79
C SER B 144 3.66 -21.36 15.96
N TYR B 145 4.00 -22.42 15.24
CA TYR B 145 3.03 -23.11 14.42
C TYR B 145 1.68 -23.35 15.10
N GLN B 146 1.76 -23.75 16.36
CA GLN B 146 0.57 -24.03 17.13
C GLN B 146 -0.34 -22.82 17.32
N ASN B 147 0.23 -21.64 17.17
CA ASN B 147 -0.54 -20.42 17.29
C ASN B 147 -0.86 -19.83 15.92
N ALA B 148 -0.11 -20.27 14.93
CA ALA B 148 -0.31 -19.81 13.58
C ALA B 148 -1.54 -20.47 12.94
N ASN B 149 -1.81 -21.68 13.38
CA ASN B 149 -2.92 -22.44 12.85
C ASN B 149 -3.95 -22.81 13.90
N PRO B 150 -4.85 -21.89 14.19
CA PRO B 150 -5.86 -22.15 15.20
C PRO B 150 -7.12 -22.88 14.72
N GLY B 151 -6.95 -23.64 13.66
CA GLY B 151 -8.05 -24.41 13.12
C GLY B 151 -9.41 -23.76 12.92
N GLU B 152 -10.45 -24.57 13.05
CA GLU B 152 -11.80 -24.08 12.86
C GLU B 152 -12.28 -23.04 13.84
N LYS B 153 -11.63 -23.00 15.00
CA LYS B 153 -12.01 -22.01 16.00
C LYS B 153 -11.45 -20.64 15.60
N GLY B 154 -10.37 -20.68 14.83
CA GLY B 154 -9.74 -19.46 14.36
C GLY B 154 -9.22 -18.49 15.40
N GLY B 155 -9.10 -17.24 15.00
CA GLY B 155 -8.60 -16.21 15.89
C GLY B 155 -9.37 -14.90 15.86
N THR B 156 -8.79 -13.90 16.48
CA THR B 156 -9.43 -12.59 16.54
C THR B 156 -8.44 -11.43 16.34
N PHE B 157 -8.98 -10.25 16.20
CA PHE B 157 -8.16 -9.05 16.08
C PHE B 157 -8.28 -8.31 17.41
N THR B 158 -7.27 -7.52 17.70
CA THR B 158 -7.28 -6.75 18.93
C THR B 158 -7.27 -5.23 18.68
N GLY B 159 -7.78 -4.51 19.66
CA GLY B 159 -7.82 -3.06 19.55
C GLY B 159 -6.55 -2.30 19.94
N THR B 160 -5.63 -3.03 20.54
CA THR B 160 -4.38 -2.43 20.98
C THR B 160 -3.24 -3.46 20.88
N PHE B 161 -2.08 -2.97 20.52
CA PHE B 161 -0.91 -3.84 20.48
C PHE B 161 -0.24 -3.86 21.85
N THR B 162 -0.19 -5.06 22.42
CA THR B 162 0.44 -5.23 23.71
C THR B 162 1.57 -6.23 23.52
N PRO B 163 2.79 -5.74 23.66
CA PRO B 163 3.96 -6.59 23.53
C PRO B 163 4.00 -7.74 24.56
N ASP B 164 4.67 -8.81 24.15
CA ASP B 164 4.84 -9.94 25.02
C ASP B 164 6.19 -9.73 25.71
N ASN B 165 6.13 -9.65 27.02
CA ASN B 165 7.34 -9.43 27.80
C ASN B 165 8.02 -10.63 28.44
N ASN B 166 7.28 -11.71 28.58
CA ASN B 166 7.85 -12.92 29.15
C ASN B 166 8.86 -13.61 28.22
N GLN B 167 10.11 -13.26 28.41
CA GLN B 167 11.17 -13.80 27.59
C GLN B 167 11.75 -15.08 28.21
N THR B 168 11.04 -15.59 29.20
CA THR B 168 11.41 -16.82 29.85
C THR B 168 10.66 -17.94 29.09
N SER B 169 9.50 -17.57 28.58
CA SER B 169 8.67 -18.46 27.84
C SER B 169 7.68 -17.55 27.10
N PRO B 170 7.98 -17.29 25.84
CA PRO B 170 7.14 -16.42 25.05
C PRO B 170 5.77 -16.98 24.72
N ALA B 171 4.83 -16.10 24.47
CA ALA B 171 3.48 -16.52 24.13
C ALA B 171 3.37 -16.88 22.64
N ARG B 172 4.36 -16.45 21.89
CA ARG B 172 4.46 -16.75 20.49
C ARG B 172 3.21 -16.80 19.64
N ARG B 173 2.38 -15.77 19.77
CA ARG B 173 1.17 -15.72 18.97
C ARG B 173 1.06 -14.43 18.13
N PHE B 174 0.02 -14.38 17.33
CA PHE B 174 -0.21 -13.20 16.52
C PHE B 174 -0.95 -12.18 17.36
N CYS B 175 -0.57 -10.93 17.20
CA CYS B 175 -1.26 -9.86 17.88
C CYS B 175 -1.57 -9.03 16.63
N PRO B 176 -2.73 -9.31 16.05
CA PRO B 176 -3.13 -8.60 14.85
C PRO B 176 -4.02 -7.38 15.10
N VAL B 177 -3.39 -6.22 15.08
CA VAL B 177 -4.10 -4.99 15.34
C VAL B 177 -5.14 -4.74 14.24
N ASP B 178 -6.36 -4.57 14.68
CA ASP B 178 -7.47 -4.35 13.78
C ASP B 178 -7.31 -3.28 12.71
N TYR B 179 -6.99 -2.08 13.14
CA TYR B 179 -6.84 -0.98 12.17
C TYR B 179 -5.67 -1.18 11.21
N LEU B 180 -4.71 -1.96 11.66
CA LEU B 180 -3.58 -2.28 10.80
C LEU B 180 -3.81 -3.57 10.01
N LEU B 181 -5.07 -3.96 9.94
CA LEU B 181 -5.47 -5.16 9.26
C LEU B 181 -4.60 -6.36 9.69
N GLY B 182 -3.96 -6.19 10.82
CA GLY B 182 -3.10 -7.20 11.37
C GLY B 182 -1.80 -7.45 10.60
N ASN B 183 -1.44 -6.49 9.76
CA ASN B 183 -0.22 -6.62 8.98
C ASN B 183 0.45 -5.29 8.59
N GLY B 184 0.39 -4.36 9.53
CA GLY B 184 1.02 -3.07 9.33
C GLY B 184 0.58 -2.15 8.20
N THR B 185 -0.70 -2.21 7.88
CA THR B 185 -1.25 -1.40 6.83
C THR B 185 -2.65 -0.93 7.24
N LEU B 186 -3.00 0.26 6.80
CA LEU B 186 -4.30 0.82 7.15
C LEU B 186 -5.52 0.07 6.58
N LEU B 187 -6.37 -0.36 7.50
CA LEU B 187 -7.55 -1.09 7.12
C LEU B 187 -8.34 -0.58 5.93
N GLY B 188 -8.47 0.74 5.86
CA GLY B 188 -9.19 1.35 4.77
C GLY B 188 -8.78 0.93 3.35
N ASN B 189 -7.62 0.32 3.27
CA ASN B 189 -7.13 -0.15 2.01
C ASN B 189 -7.43 -1.64 1.79
N ALA B 190 -8.09 -2.22 2.77
CA ALA B 190 -8.44 -3.62 2.69
C ALA B 190 -9.35 -4.05 1.54
N PHE B 191 -9.88 -3.05 0.86
CA PHE B 191 -10.77 -3.31 -0.25
C PHE B 191 -10.10 -3.75 -1.55
N VAL B 192 -8.79 -3.66 -1.58
CA VAL B 192 -8.06 -4.10 -2.76
C VAL B 192 -8.15 -5.62 -2.90
N PHE B 193 -8.54 -6.26 -1.82
CA PHE B 193 -8.73 -7.69 -1.82
C PHE B 193 -10.18 -7.93 -2.16
N PRO B 194 -10.46 -9.05 -2.80
CA PRO B 194 -11.85 -9.38 -3.13
C PRO B 194 -12.63 -9.34 -1.83
N HIS B 195 -13.81 -8.75 -1.88
CA HIS B 195 -14.60 -8.60 -0.67
C HIS B 195 -16.09 -8.22 -0.81
N GLN B 196 -16.79 -8.39 0.30
CA GLN B 196 -18.17 -8.01 0.40
C GLN B 196 -18.35 -7.51 1.83
N ILE B 197 -19.25 -6.55 1.99
CA ILE B 197 -19.52 -6.00 3.30
C ILE B 197 -20.97 -6.24 3.67
N ILE B 198 -21.17 -7.10 4.65
CA ILE B 198 -22.53 -7.38 5.09
C ILE B 198 -22.98 -6.17 5.91
N ASN B 199 -23.89 -5.41 5.33
CA ASN B 199 -24.43 -4.26 6.00
C ASN B 199 -25.88 -4.57 6.38
N LEU B 200 -26.07 -4.96 7.62
CA LEU B 200 -27.37 -5.35 8.13
C LEU B 200 -28.69 -4.90 7.50
N ARG B 201 -28.77 -3.62 7.20
CA ARG B 201 -29.98 -3.07 6.61
C ARG B 201 -30.27 -3.58 5.20
N THR B 202 -29.23 -4.08 4.56
CA THR B 202 -29.32 -4.55 3.21
C THR B 202 -29.34 -6.08 3.03
N ASN B 203 -28.18 -6.67 3.26
CA ASN B 203 -28.02 -8.10 3.10
C ASN B 203 -27.96 -8.95 4.38
N ASN B 204 -27.59 -10.20 4.19
CA ASN B 204 -27.47 -11.12 5.30
C ASN B 204 -26.34 -12.17 5.16
N CYS B 205 -25.62 -12.07 4.07
CA CYS B 205 -24.56 -13.00 3.79
C CYS B 205 -23.45 -12.50 2.85
N ALA B 206 -22.32 -13.17 2.95
CA ALA B 206 -21.19 -12.84 2.10
C ALA B 206 -20.65 -14.13 1.44
N THR B 207 -20.63 -14.10 0.12
CA THR B 207 -20.14 -15.24 -0.63
C THR B 207 -18.92 -14.85 -1.47
N LEU B 208 -17.81 -15.47 -1.15
CA LEU B 208 -16.57 -15.21 -1.86
C LEU B 208 -15.93 -16.48 -2.40
N VAL B 209 -16.13 -16.70 -3.69
CA VAL B 209 -15.55 -17.85 -4.35
C VAL B 209 -14.08 -17.49 -4.60
N LEU B 210 -13.20 -18.36 -4.15
CA LEU B 210 -11.78 -18.14 -4.27
C LEU B 210 -11.07 -19.21 -5.05
N PRO B 211 -10.28 -18.80 -6.03
CA PRO B 211 -9.52 -19.78 -6.81
C PRO B 211 -8.22 -20.05 -6.08
N TYR B 212 -7.53 -21.10 -6.48
CA TYR B 212 -6.24 -21.41 -5.87
C TYR B 212 -5.27 -20.32 -6.31
N VAL B 213 -4.63 -19.71 -5.35
CA VAL B 213 -3.69 -18.65 -5.62
C VAL B 213 -2.40 -18.93 -4.86
N ASN B 214 -1.31 -18.97 -5.58
CA ASN B 214 -0.02 -19.22 -4.99
C ASN B 214 1.12 -18.98 -5.99
N SER B 215 2.33 -19.15 -5.52
CA SER B 215 3.50 -18.99 -6.31
C SER B 215 3.88 -20.29 -7.03
N LEU B 216 3.21 -21.36 -6.64
CA LEU B 216 3.43 -22.66 -7.20
C LEU B 216 2.10 -23.23 -7.64
N SER B 217 2.16 -24.16 -8.58
CA SER B 217 0.95 -24.79 -9.07
C SER B 217 0.24 -25.63 -7.99
N ILE B 218 1.04 -26.32 -7.21
CA ILE B 218 0.52 -27.12 -6.13
C ILE B 218 1.53 -26.97 -5.01
N ASP B 219 1.03 -26.95 -3.79
CA ASP B 219 1.91 -26.75 -2.65
C ASP B 219 1.50 -27.47 -1.36
N SER B 220 2.48 -27.66 -0.49
CA SER B 220 2.26 -28.31 0.77
C SER B 220 1.25 -27.57 1.64
N MET B 221 0.06 -28.14 1.72
CA MET B 221 -1.01 -27.55 2.50
C MET B 221 -0.74 -27.50 4.01
N VAL B 222 -0.06 -28.53 4.50
CA VAL B 222 0.24 -28.62 5.90
C VAL B 222 1.08 -27.40 6.31
N LYS B 223 2.09 -27.12 5.50
CA LYS B 223 2.98 -26.02 5.76
C LYS B 223 2.51 -24.60 5.45
N HIS B 224 1.73 -24.50 4.38
CA HIS B 224 1.32 -23.19 3.91
C HIS B 224 -0.17 -22.91 3.62
N ASN B 225 -0.61 -21.75 4.09
CA ASN B 225 -1.97 -21.33 3.88
C ASN B 225 -2.07 -20.37 2.69
N ASN B 226 -2.95 -20.71 1.77
CA ASN B 226 -3.15 -19.92 0.59
C ASN B 226 -3.91 -18.62 0.86
N TRP B 227 -5.15 -18.79 1.29
CA TRP B 227 -5.99 -17.65 1.59
C TRP B 227 -6.15 -17.29 3.08
N GLY B 228 -6.80 -16.16 3.30
CA GLY B 228 -7.07 -15.69 4.63
C GLY B 228 -8.43 -15.01 4.65
N ILE B 229 -9.22 -15.37 5.63
CA ILE B 229 -10.55 -14.80 5.77
C ILE B 229 -10.62 -13.93 7.03
N ALA B 230 -10.60 -12.63 6.81
CA ALA B 230 -10.65 -11.69 7.91
C ALA B 230 -11.98 -10.92 7.95
N ILE B 231 -12.60 -10.95 9.11
CA ILE B 231 -13.86 -10.26 9.29
C ILE B 231 -13.74 -9.28 10.45
N LEU B 232 -13.91 -8.01 10.12
CA LEU B 232 -13.83 -6.96 11.10
C LEU B 232 -15.02 -6.02 10.96
N PRO B 233 -15.60 -5.64 12.08
CA PRO B 233 -16.74 -4.74 12.04
C PRO B 233 -16.41 -3.31 11.63
N LEU B 234 -16.82 -2.96 10.43
CA LEU B 234 -16.57 -1.61 9.95
C LEU B 234 -17.44 -0.61 10.74
N ALA B 235 -18.66 -1.05 11.02
CA ALA B 235 -19.58 -0.28 11.80
C ALA B 235 -19.91 -1.18 12.97
N PRO B 236 -19.81 -0.63 14.16
CA PRO B 236 -20.09 -1.41 15.36
C PRO B 236 -21.56 -1.82 15.48
N LEU B 237 -21.79 -2.91 16.19
CA LEU B 237 -23.15 -3.40 16.36
C LEU B 237 -24.04 -2.54 17.26
N ASN B 238 -25.22 -2.27 16.77
CA ASN B 238 -26.19 -1.49 17.50
C ASN B 238 -27.59 -2.02 17.32
N PHE B 239 -28.30 -2.16 18.43
CA PHE B 239 -29.66 -2.64 18.41
C PHE B 239 -30.57 -1.94 19.40
N ALA B 240 -31.62 -1.34 18.89
CA ALA B 240 -32.56 -0.62 19.71
C ALA B 240 -31.85 0.38 20.62
N SER B 241 -32.31 0.44 21.86
CA SER B 241 -31.69 1.31 22.84
C SER B 241 -30.99 0.42 23.88
N GLU B 242 -30.56 -0.74 23.40
CA GLU B 242 -29.92 -1.70 24.25
C GLU B 242 -28.41 -1.50 24.50
N SER B 243 -27.98 -2.02 25.64
CA SER B 243 -26.61 -1.93 26.04
C SER B 243 -25.78 -3.17 25.67
N SER B 244 -26.47 -4.28 25.53
CA SER B 244 -25.79 -5.51 25.15
C SER B 244 -26.46 -6.37 24.09
N PRO B 245 -26.29 -5.96 22.84
CA PRO B 245 -26.87 -6.73 21.74
C PRO B 245 -25.91 -7.84 21.33
N GLU B 246 -26.47 -8.88 20.74
CA GLU B 246 -25.68 -10.00 20.30
C GLU B 246 -26.32 -10.72 19.11
N ILE B 247 -25.49 -10.95 18.09
CA ILE B 247 -25.94 -11.67 16.93
C ILE B 247 -24.79 -12.56 16.46
N PRO B 248 -25.13 -13.76 16.01
CA PRO B 248 -24.09 -14.69 15.59
C PRO B 248 -23.61 -14.65 14.13
N ILE B 249 -22.40 -15.14 13.93
CA ILE B 249 -21.82 -15.19 12.62
C ILE B 249 -21.36 -16.64 12.37
N THR B 250 -21.76 -17.16 11.23
CA THR B 250 -21.44 -18.53 10.89
C THR B 250 -20.75 -18.67 9.53
N LEU B 251 -19.60 -19.32 9.56
CA LEU B 251 -18.85 -19.56 8.35
C LEU B 251 -18.92 -20.99 7.78
N THR B 252 -19.29 -21.05 6.52
CA THR B 252 -19.41 -22.31 5.83
C THR B 252 -18.53 -22.16 4.58
N ILE B 253 -17.50 -22.99 4.54
CA ILE B 253 -16.57 -22.97 3.43
C ILE B 253 -16.57 -24.31 2.70
N ALA B 254 -16.48 -24.23 1.38
CA ALA B 254 -16.47 -25.42 0.56
C ALA B 254 -15.26 -25.47 -0.36
N PRO B 255 -14.40 -26.45 -0.13
CA PRO B 255 -13.24 -26.61 -1.00
C PRO B 255 -13.70 -26.94 -2.41
N MET B 256 -13.01 -26.40 -3.39
CA MET B 256 -13.36 -26.65 -4.77
C MET B 256 -12.17 -27.05 -5.64
N CYS B 257 -12.44 -27.89 -6.61
CA CYS B 257 -11.41 -28.33 -7.52
C CYS B 257 -10.11 -28.74 -6.82
N CYS B 258 -10.28 -29.45 -5.72
CA CYS B 258 -9.16 -29.90 -4.93
C CYS B 258 -8.42 -31.11 -5.51
N GLU B 259 -7.11 -31.01 -5.51
CA GLU B 259 -6.30 -32.11 -6.00
C GLU B 259 -5.06 -32.32 -5.11
N PHE B 260 -4.74 -33.58 -4.88
CA PHE B 260 -3.63 -33.94 -4.03
C PHE B 260 -2.69 -34.96 -4.64
N ASN B 261 -1.41 -34.72 -4.44
CA ASN B 261 -0.39 -35.62 -4.98
C ASN B 261 0.60 -36.14 -3.92
N GLY B 262 1.25 -37.23 -4.27
CA GLY B 262 2.22 -37.84 -3.39
C GLY B 262 1.55 -38.45 -2.17
N LEU B 263 0.96 -39.61 -2.38
CA LEU B 263 0.28 -40.30 -1.31
C LEU B 263 1.27 -41.07 -0.42
N ARG B 264 1.11 -40.89 0.87
CA ARG B 264 1.98 -41.51 1.84
C ARG B 264 1.25 -41.71 3.16
N ASN B 265 2.00 -42.06 4.19
CA ASN B 265 1.39 -42.25 5.50
C ASN B 265 0.84 -40.94 6.04
N ILE B 266 -0.11 -41.04 6.94
CA ILE B 266 -0.73 -39.85 7.51
C ILE B 266 0.13 -39.03 8.48
N THR B 267 0.02 -37.72 8.33
CA THR B 267 0.75 -36.81 9.17
C THR B 267 -0.10 -36.45 10.38
N LEU B 268 0.48 -36.65 11.55
CA LEU B 268 -0.20 -36.31 12.78
C LEU B 268 0.57 -35.11 13.27
N PRO B 269 0.08 -33.92 12.97
CA PRO B 269 0.80 -32.72 13.39
C PRO B 269 0.65 -32.40 14.86
N ARG B 270 1.63 -31.70 15.41
CA ARG B 270 1.57 -31.28 16.79
C ARG B 270 0.85 -29.94 16.79
N LEU B 271 -0.46 -30.01 16.99
CA LEU B 271 -1.27 -28.81 16.98
C LEU B 271 -1.32 -28.08 18.32
N GLN B 272 -1.08 -28.82 19.38
CA GLN B 272 -1.05 -28.24 20.71
C GLN B 272 0.38 -28.21 21.32
N GLY C 1 41.06 0.34 -34.88
CA GLY C 1 39.62 0.21 -34.55
C GLY C 1 38.81 1.44 -34.95
N LEU C 2 37.56 1.21 -35.27
CA LEU C 2 36.68 2.29 -35.69
C LEU C 2 36.88 3.54 -34.87
N PRO C 3 37.28 4.62 -35.52
CA PRO C 3 37.48 5.87 -34.82
C PRO C 3 36.24 6.40 -34.10
N VAL C 4 36.40 6.67 -32.82
CA VAL C 4 35.31 7.15 -32.01
C VAL C 4 35.66 8.38 -31.16
N MET C 5 34.62 9.06 -30.71
CA MET C 5 34.81 10.21 -29.85
C MET C 5 33.83 10.14 -28.67
N ASN C 6 34.39 10.14 -27.47
CA ASN C 6 33.59 10.07 -26.27
C ASN C 6 32.87 11.36 -25.91
N THR C 7 31.57 11.25 -25.75
CA THR C 7 30.73 12.40 -25.47
C THR C 7 30.33 12.64 -24.02
N PRO C 8 29.87 13.84 -23.74
CA PRO C 8 29.46 14.17 -22.38
C PRO C 8 28.49 13.14 -21.82
N GLY C 9 28.74 12.73 -20.59
CA GLY C 9 27.89 11.75 -19.94
C GLY C 9 28.44 10.36 -19.81
N SER C 10 29.38 10.01 -20.67
CA SER C 10 29.99 8.69 -20.61
C SER C 10 30.53 8.35 -19.22
N ASN C 11 30.44 7.08 -18.88
CA ASN C 11 30.89 6.62 -17.58
C ASN C 11 30.01 6.98 -16.38
N GLN C 12 28.99 7.78 -16.63
CA GLN C 12 28.09 8.18 -15.58
C GLN C 12 26.96 7.14 -15.45
N TYR C 13 26.51 6.97 -14.23
CA TYR C 13 25.44 6.03 -13.97
C TYR C 13 24.09 6.67 -13.58
N LEU C 14 23.16 6.58 -14.51
CA LEU C 14 21.83 7.10 -14.28
C LEU C 14 21.01 5.96 -13.70
N THR C 15 20.38 6.24 -12.58
CA THR C 15 19.54 5.25 -11.93
C THR C 15 18.26 4.98 -12.74
N ALA C 16 18.08 5.79 -13.76
CA ALA C 16 16.92 5.68 -14.61
C ALA C 16 17.28 5.39 -16.07
N ASP C 17 18.50 4.93 -16.28
CA ASP C 17 18.95 4.58 -17.61
C ASP C 17 18.27 3.28 -18.00
N ASN C 18 18.45 2.89 -19.25
CA ASN C 18 17.85 1.65 -19.71
C ASN C 18 18.78 0.98 -20.72
N PHE C 19 19.95 0.59 -20.24
CA PHE C 19 20.92 -0.04 -21.10
C PHE C 19 21.08 -1.56 -20.98
N GLN C 20 21.73 -2.13 -21.97
CA GLN C 20 22.00 -3.56 -21.97
C GLN C 20 23.31 -3.80 -21.23
N SER C 21 23.42 -4.97 -20.63
CA SER C 21 24.60 -5.34 -19.88
C SER C 21 24.82 -6.83 -19.84
N PRO C 22 26.03 -7.25 -19.48
CA PRO C 22 26.31 -8.68 -19.43
C PRO C 22 25.60 -9.51 -18.37
N CYS C 23 25.33 -10.76 -18.73
CA CYS C 23 24.65 -11.67 -17.84
C CYS C 23 25.53 -12.61 -16.99
N ALA C 24 25.21 -12.64 -15.71
CA ALA C 24 25.94 -13.44 -14.77
C ALA C 24 25.81 -14.95 -14.92
N LEU C 25 24.64 -15.40 -15.29
CA LEU C 25 24.43 -16.83 -15.44
C LEU C 25 24.00 -17.25 -16.82
N PRO C 26 24.92 -17.14 -17.78
CA PRO C 26 24.57 -17.50 -19.15
C PRO C 26 23.91 -18.88 -19.35
N GLU C 27 22.81 -18.85 -20.07
CA GLU C 27 22.06 -20.05 -20.34
C GLU C 27 21.26 -20.59 -19.16
N PHE C 28 20.81 -19.68 -18.31
CA PHE C 28 20.05 -20.08 -17.14
C PHE C 28 18.65 -20.53 -17.53
N ASP C 29 18.30 -21.72 -17.13
CA ASP C 29 16.98 -22.25 -17.45
C ASP C 29 15.97 -21.60 -16.51
N VAL C 30 15.25 -20.63 -17.05
CA VAL C 30 14.25 -19.93 -16.29
C VAL C 30 13.00 -20.81 -16.25
N THR C 31 12.42 -20.89 -15.07
CA THR C 31 11.20 -21.65 -14.89
C THR C 31 10.07 -20.80 -15.46
N PRO C 32 9.23 -21.42 -16.25
CA PRO C 32 8.11 -20.68 -16.82
C PRO C 32 7.08 -20.22 -15.79
N PRO C 33 6.51 -19.05 -16.02
CA PRO C 33 5.50 -18.54 -15.10
C PRO C 33 4.18 -19.28 -15.33
N ILE C 34 3.27 -19.15 -14.39
CA ILE C 34 1.98 -19.78 -14.53
C ILE C 34 0.87 -18.76 -14.42
N ASP C 35 -0.33 -19.14 -14.83
CA ASP C 35 -1.46 -18.23 -14.76
C ASP C 35 -1.88 -18.09 -13.28
N ILE C 36 -1.33 -17.06 -12.67
CA ILE C 36 -1.62 -16.74 -11.30
C ILE C 36 -2.73 -15.71 -11.43
N PRO C 37 -3.87 -16.01 -10.84
CA PRO C 37 -5.00 -15.10 -10.92
C PRO C 37 -4.74 -13.68 -10.48
N GLY C 38 -5.45 -12.74 -11.08
CA GLY C 38 -5.28 -11.35 -10.75
C GLY C 38 -3.90 -10.79 -11.08
N GLU C 39 -3.75 -10.35 -12.32
CA GLU C 39 -2.51 -9.78 -12.76
C GLU C 39 -2.76 -8.29 -12.96
N VAL C 40 -1.77 -7.50 -12.59
CA VAL C 40 -1.87 -6.07 -12.70
C VAL C 40 -0.89 -5.58 -13.76
N LYS C 41 -1.30 -4.57 -14.49
CA LYS C 41 -0.47 -3.99 -15.53
C LYS C 41 -0.11 -2.53 -15.27
N ASN C 42 -0.98 -1.84 -14.55
CA ASN C 42 -0.75 -0.44 -14.26
C ASN C 42 -1.24 -0.01 -12.87
N MET C 43 -0.49 0.90 -12.27
CA MET C 43 -0.85 1.41 -10.96
C MET C 43 -2.24 2.02 -10.84
N MET C 44 -2.65 2.72 -11.88
CA MET C 44 -3.95 3.34 -11.91
C MET C 44 -5.09 2.35 -11.70
N GLU C 45 -4.88 1.14 -12.17
CA GLU C 45 -5.86 0.09 -12.03
C GLU C 45 -6.25 -0.05 -10.56
N LEU C 46 -5.25 0.04 -9.70
CA LEU C 46 -5.49 -0.05 -8.27
C LEU C 46 -6.15 1.22 -7.76
N ALA C 47 -5.85 2.32 -8.42
CA ALA C 47 -6.41 3.60 -8.05
C ALA C 47 -7.92 3.71 -8.24
N GLU C 48 -8.42 2.96 -9.21
CA GLU C 48 -9.85 2.98 -9.48
C GLU C 48 -10.68 2.14 -8.52
N ILE C 49 -10.01 1.43 -7.63
CA ILE C 49 -10.70 0.61 -6.66
C ILE C 49 -11.06 1.50 -5.48
N ASP C 50 -12.29 1.37 -5.02
CA ASP C 50 -12.74 2.15 -3.88
C ASP C 50 -12.03 1.80 -2.57
N THR C 51 -11.63 2.83 -1.86
CA THR C 51 -10.97 2.64 -0.58
C THR C 51 -11.56 3.55 0.52
N MET C 52 -11.77 2.94 1.68
CA MET C 52 -12.37 3.62 2.79
C MET C 52 -11.55 4.77 3.37
N ILE C 53 -12.18 5.93 3.46
CA ILE C 53 -11.54 7.12 3.92
C ILE C 53 -11.63 7.42 5.41
N PRO C 54 -10.47 7.56 6.04
CA PRO C 54 -10.45 7.90 7.45
C PRO C 54 -10.75 9.40 7.62
N PHE C 55 -12.04 9.70 7.60
CA PHE C 55 -12.49 11.06 7.74
C PHE C 55 -12.21 11.77 9.07
N ASP C 56 -12.86 11.28 10.11
CA ASP C 56 -12.74 11.86 11.43
C ASP C 56 -11.40 11.51 12.09
N LEU C 57 -10.42 12.36 11.88
CA LEU C 57 -9.12 12.14 12.46
C LEU C 57 -8.84 12.96 13.72
N SER C 58 -9.72 12.79 14.69
CA SER C 58 -9.56 13.48 15.95
C SER C 58 -8.51 12.76 16.79
N ALA C 59 -7.86 13.51 17.66
CA ALA C 59 -6.84 12.93 18.51
C ALA C 59 -7.29 11.68 19.28
N THR C 60 -8.59 11.61 19.49
CA THR C 60 -9.18 10.47 20.16
C THR C 60 -9.72 9.43 19.19
N LYS C 61 -9.84 9.83 17.94
CA LYS C 61 -10.31 8.92 16.91
C LYS C 61 -9.29 8.53 15.85
N LYS C 62 -8.20 9.27 15.81
CA LYS C 62 -7.15 8.98 14.85
C LYS C 62 -6.41 7.68 15.17
N ASN C 63 -5.93 7.04 14.12
CA ASN C 63 -5.22 5.80 14.25
C ASN C 63 -5.97 4.63 14.90
N THR C 64 -7.27 4.65 14.75
CA THR C 64 -8.12 3.61 15.29
C THR C 64 -9.16 3.17 14.27
N MET C 65 -10.11 2.38 14.73
CA MET C 65 -11.18 1.91 13.87
C MET C 65 -12.28 2.98 13.73
N GLU C 66 -12.29 3.89 14.68
CA GLU C 66 -13.25 4.96 14.70
C GLU C 66 -13.11 6.05 13.65
N MET C 67 -11.93 6.12 13.06
CA MET C 67 -11.65 7.14 12.07
C MET C 67 -12.45 7.08 10.76
N TYR C 68 -12.86 5.88 10.41
CA TYR C 68 -13.62 5.70 9.19
C TYR C 68 -15.13 5.94 9.32
N ARG C 69 -15.57 5.98 10.57
CA ARG C 69 -16.98 6.17 10.85
C ARG C 69 -17.35 7.63 11.04
N VAL C 70 -18.32 8.07 10.26
CA VAL C 70 -18.80 9.43 10.38
C VAL C 70 -20.21 9.23 10.92
N ARG C 71 -20.39 9.58 12.17
CA ARG C 71 -21.67 9.39 12.82
C ARG C 71 -22.75 10.47 12.62
N LEU C 72 -23.89 10.02 12.11
CA LEU C 72 -25.01 10.90 11.87
C LEU C 72 -26.00 10.70 13.03
N SER C 73 -26.98 11.58 13.07
CA SER C 73 -27.99 11.49 14.12
C SER C 73 -29.40 11.97 13.70
N ASP C 74 -30.32 11.78 14.61
CA ASP C 74 -31.68 12.19 14.38
C ASP C 74 -32.04 13.57 14.95
N LYS C 75 -31.01 14.34 15.21
CA LYS C 75 -31.19 15.68 15.72
C LYS C 75 -31.86 16.52 14.64
N PRO C 76 -32.63 17.51 15.07
CA PRO C 76 -33.30 18.36 14.09
C PRO C 76 -32.40 18.98 13.01
N HIS C 77 -33.01 19.30 11.89
CA HIS C 77 -32.30 19.88 10.78
C HIS C 77 -31.58 21.22 10.99
N THR C 78 -30.33 21.23 10.56
CA THR C 78 -29.51 22.40 10.66
C THR C 78 -28.84 22.59 9.31
N ASP C 79 -28.01 23.61 9.20
CA ASP C 79 -27.30 23.86 7.95
C ASP C 79 -25.78 23.75 8.13
N ASP C 80 -25.41 23.14 9.23
CA ASP C 80 -24.02 23.00 9.58
C ASP C 80 -23.47 21.68 9.06
N PRO C 81 -22.23 21.71 8.60
CA PRO C 81 -21.63 20.51 8.05
C PRO C 81 -21.47 19.24 8.94
N ILE C 82 -21.51 18.11 8.24
CA ILE C 82 -21.36 16.83 8.87
C ILE C 82 -19.87 16.55 8.71
N LEU C 83 -19.38 16.76 7.50
CA LEU C 83 -17.98 16.54 7.22
C LEU C 83 -17.50 17.48 6.12
N CYS C 84 -16.29 17.97 6.28
CA CYS C 84 -15.69 18.83 5.29
C CYS C 84 -14.46 18.07 4.82
N LEU C 85 -14.05 18.34 3.60
CA LEU C 85 -12.88 17.67 3.05
C LEU C 85 -12.35 18.47 1.87
N SER C 86 -11.05 18.69 1.86
CA SER C 86 -10.44 19.43 0.78
C SER C 86 -9.88 18.50 -0.29
N LEU C 87 -10.14 18.83 -1.53
CA LEU C 87 -9.67 18.03 -2.63
C LEU C 87 -8.16 18.22 -2.87
N SER C 88 -7.39 17.38 -2.21
CA SER C 88 -5.96 17.37 -2.37
C SER C 88 -5.67 15.94 -1.96
N PRO C 89 -6.12 15.01 -2.79
CA PRO C 89 -5.97 13.61 -2.49
C PRO C 89 -4.68 13.07 -1.92
N ALA C 90 -3.58 13.71 -2.29
CA ALA C 90 -2.28 13.26 -1.83
C ALA C 90 -1.65 14.01 -0.65
N SER C 91 -2.28 15.08 -0.27
CA SER C 91 -1.78 15.90 0.82
C SER C 91 -2.68 16.09 2.03
N ASP C 92 -3.96 15.86 1.84
CA ASP C 92 -4.90 15.98 2.94
C ASP C 92 -4.85 14.70 3.77
N PRO C 93 -4.53 14.86 5.04
CA PRO C 93 -4.40 13.71 5.91
C PRO C 93 -5.43 12.61 5.69
N ARG C 94 -6.66 13.04 5.49
CA ARG C 94 -7.75 12.12 5.26
C ARG C 94 -7.64 11.27 4.01
N LEU C 95 -7.33 11.92 2.90
CA LEU C 95 -7.21 11.19 1.65
C LEU C 95 -5.84 10.53 1.46
N SER C 96 -4.80 11.27 1.84
CA SER C 96 -3.45 10.79 1.70
C SER C 96 -3.07 9.38 2.13
N HIS C 97 -3.95 8.75 2.89
CA HIS C 97 -3.68 7.40 3.34
C HIS C 97 -4.51 6.30 2.67
N THR C 98 -5.34 6.71 1.73
CA THR C 98 -6.13 5.77 0.98
C THR C 98 -5.30 5.34 -0.23
N MET C 99 -5.67 4.20 -0.80
CA MET C 99 -4.96 3.68 -1.94
C MET C 99 -4.57 4.76 -2.96
N LEU C 100 -5.57 5.51 -3.37
CA LEU C 100 -5.37 6.58 -4.30
C LEU C 100 -4.18 7.46 -3.90
N GLY C 101 -4.31 8.08 -2.74
CA GLY C 101 -3.25 8.93 -2.23
C GLY C 101 -1.88 8.28 -2.21
N GLU C 102 -1.82 7.06 -1.73
CA GLU C 102 -0.56 6.35 -1.66
C GLU C 102 0.13 6.23 -3.02
N ILE C 103 -0.64 5.81 -4.00
CA ILE C 103 -0.12 5.70 -5.34
C ILE C 103 0.27 7.13 -5.73
N LEU C 104 -0.63 8.05 -5.45
CA LEU C 104 -0.37 9.45 -5.73
C LEU C 104 0.90 9.98 -5.06
N ASN C 105 1.24 9.38 -3.95
CA ASN C 105 2.45 9.78 -3.24
C ASN C 105 3.77 9.38 -3.91
N TYR C 106 3.64 8.64 -4.99
CA TYR C 106 4.80 8.23 -5.76
C TYR C 106 4.98 9.05 -7.06
N TYR C 107 4.10 10.00 -7.24
CA TYR C 107 4.15 10.85 -8.39
C TYR C 107 4.12 12.33 -8.00
N THR C 108 4.54 13.17 -8.93
CA THR C 108 4.57 14.59 -8.67
C THR C 108 3.30 15.27 -9.13
N HIS C 109 2.69 14.70 -10.16
CA HIS C 109 1.49 15.27 -10.72
C HIS C 109 0.34 14.29 -10.99
N TRP C 110 -0.86 14.75 -10.68
CA TRP C 110 -2.03 13.93 -10.89
C TRP C 110 -3.09 14.73 -11.67
N ALA C 111 -3.92 13.99 -12.38
CA ALA C 111 -4.97 14.61 -13.17
C ALA C 111 -6.10 13.60 -13.42
N GLY C 112 -7.26 14.13 -13.73
CA GLY C 112 -8.42 13.30 -14.00
C GLY C 112 -9.57 13.57 -13.04
N SER C 113 -10.56 12.72 -13.10
CA SER C 113 -11.72 12.86 -12.24
C SER C 113 -11.70 11.84 -11.09
N LEU C 114 -12.32 12.23 -10.00
CA LEU C 114 -12.40 11.37 -8.85
C LEU C 114 -13.86 11.16 -8.47
N LYS C 115 -14.12 10.06 -7.78
CA LYS C 115 -15.46 9.77 -7.34
C LYS C 115 -15.54 9.25 -5.90
N PHE C 116 -16.36 9.92 -5.11
CA PHE C 116 -16.55 9.53 -3.73
C PHE C 116 -17.85 8.74 -3.61
N THR C 117 -17.81 7.73 -2.76
CA THR C 117 -18.97 6.89 -2.55
C THR C 117 -19.25 6.77 -1.05
N PHE C 118 -20.50 7.03 -0.69
CA PHE C 118 -20.89 6.97 0.70
C PHE C 118 -21.87 5.85 1.07
N LEU C 119 -21.46 5.04 2.01
CA LEU C 119 -22.27 3.93 2.46
C LEU C 119 -22.96 4.16 3.81
N PHE C 120 -24.28 4.10 3.78
CA PHE C 120 -25.06 4.27 4.97
C PHE C 120 -25.05 2.93 5.70
N CYS C 121 -24.94 3.01 7.02
CA CYS C 121 -24.86 1.80 7.82
C CYS C 121 -25.79 1.78 9.04
N GLY C 122 -26.98 2.33 8.84
CA GLY C 122 -27.97 2.35 9.90
C GLY C 122 -28.96 1.21 9.75
N SER C 123 -29.97 1.21 10.61
CA SER C 123 -30.98 0.17 10.55
C SER C 123 -31.90 0.40 9.35
N MET C 124 -32.48 -0.68 8.87
CA MET C 124 -33.36 -0.58 7.71
C MET C 124 -34.38 0.55 7.84
N MET C 125 -34.96 0.63 9.02
CA MET C 125 -35.96 1.64 9.28
C MET C 125 -35.55 3.12 9.28
N ALA C 126 -34.25 3.35 9.24
CA ALA C 126 -33.74 4.69 9.22
C ALA C 126 -33.72 5.27 7.81
N THR C 127 -34.33 6.43 7.68
CA THR C 127 -34.38 7.10 6.39
C THR C 127 -33.69 8.47 6.46
N GLY C 128 -33.59 9.09 5.31
CA GLY C 128 -32.97 10.41 5.24
C GLY C 128 -32.54 10.84 3.85
N LYS C 129 -32.13 12.09 3.75
CA LYS C 129 -31.64 12.64 2.50
C LYS C 129 -30.45 13.53 2.84
N LEU C 130 -29.30 13.17 2.30
CA LEU C 130 -28.10 13.93 2.52
C LEU C 130 -27.68 14.64 1.25
N LEU C 131 -26.77 15.59 1.39
CA LEU C 131 -26.26 16.30 0.22
C LEU C 131 -24.73 16.33 0.30
N VAL C 132 -24.10 15.75 -0.70
CA VAL C 132 -22.67 15.70 -0.78
C VAL C 132 -22.34 16.66 -1.90
N SER C 133 -21.44 17.59 -1.63
CA SER C 133 -21.08 18.58 -2.64
C SER C 133 -19.61 18.97 -2.84
N TYR C 134 -19.24 19.04 -4.11
CA TYR C 134 -17.92 19.46 -4.47
C TYR C 134 -17.97 20.88 -5.09
N ALA C 135 -17.33 21.79 -4.38
CA ALA C 135 -17.28 23.16 -4.81
C ALA C 135 -15.86 23.40 -5.30
N PRO C 136 -15.75 23.88 -6.52
CA PRO C 136 -14.44 24.22 -7.07
C PRO C 136 -13.84 25.34 -6.26
N PRO C 137 -12.52 25.42 -6.25
CA PRO C 137 -11.88 26.46 -5.43
C PRO C 137 -11.99 27.89 -5.94
N GLY C 138 -11.34 28.79 -5.23
CA GLY C 138 -11.36 30.19 -5.60
C GLY C 138 -12.36 31.06 -4.86
N ALA C 139 -12.95 30.51 -3.81
CA ALA C 139 -13.90 31.23 -3.01
C ALA C 139 -13.96 30.70 -1.57
N ASP C 140 -14.95 31.18 -0.84
CA ASP C 140 -15.13 30.77 0.53
C ASP C 140 -15.65 29.35 0.66
N PRO C 141 -14.88 28.51 1.33
CA PRO C 141 -15.32 27.14 1.52
C PRO C 141 -16.65 27.20 2.25
N PRO C 142 -17.65 26.54 1.71
CA PRO C 142 -18.96 26.59 2.34
C PRO C 142 -18.99 26.09 3.80
N LYS C 143 -19.85 26.73 4.57
CA LYS C 143 -20.05 26.34 5.95
C LYS C 143 -21.55 26.09 6.21
N LYS C 144 -22.34 26.42 5.21
CA LYS C 144 -23.76 26.22 5.28
C LYS C 144 -24.22 25.59 3.96
N ARG C 145 -25.26 24.77 4.06
CA ARG C 145 -25.78 24.09 2.89
C ARG C 145 -26.08 25.09 1.75
N LYS C 146 -26.54 26.26 2.15
CA LYS C 146 -26.87 27.31 1.26
C LYS C 146 -25.82 27.60 0.16
N GLU C 147 -24.57 27.58 0.59
CA GLU C 147 -23.48 27.83 -0.32
C GLU C 147 -23.10 26.57 -1.10
N ALA C 148 -22.89 25.49 -0.36
CA ALA C 148 -22.53 24.24 -0.96
C ALA C 148 -23.47 23.80 -2.10
N MET C 149 -24.74 24.08 -1.90
CA MET C 149 -25.74 23.78 -2.89
C MET C 149 -25.59 24.54 -4.22
N LEU C 150 -24.76 25.55 -4.19
CA LEU C 150 -24.50 26.34 -5.38
C LEU C 150 -23.45 25.75 -6.32
N GLY C 151 -22.76 24.74 -5.84
CA GLY C 151 -21.74 24.08 -6.65
C GLY C 151 -22.16 22.75 -7.27
N THR C 152 -21.18 21.87 -7.42
CA THR C 152 -21.44 20.56 -7.96
C THR C 152 -21.86 19.65 -6.81
N HIS C 153 -23.00 18.99 -6.98
CA HIS C 153 -23.50 18.11 -5.94
C HIS C 153 -24.55 17.07 -6.36
N VAL C 154 -24.77 16.13 -5.46
CA VAL C 154 -25.76 15.10 -5.65
C VAL C 154 -26.61 15.02 -4.39
N ILE C 155 -27.91 15.03 -4.58
CA ILE C 155 -28.81 14.92 -3.45
C ILE C 155 -29.18 13.44 -3.28
N TRP C 156 -28.65 12.87 -2.22
CA TRP C 156 -28.85 11.47 -1.94
C TRP C 156 -29.97 11.07 -0.96
N ASP C 157 -30.78 10.13 -1.42
CA ASP C 157 -31.88 9.62 -0.65
C ASP C 157 -31.49 8.23 -0.14
N ILE C 158 -31.62 8.06 1.16
CA ILE C 158 -31.31 6.79 1.78
C ILE C 158 -32.48 5.81 1.59
N GLY C 159 -32.16 4.66 1.02
CA GLY C 159 -33.16 3.65 0.77
C GLY C 159 -32.64 2.23 0.53
N LEU C 160 -33.36 1.49 -0.28
CA LEU C 160 -32.98 0.13 -0.59
C LEU C 160 -31.57 -0.01 -1.19
N GLN C 161 -31.24 0.95 -2.02
CA GLN C 161 -29.91 1.01 -2.60
C GLN C 161 -29.21 1.80 -1.49
N SER C 162 -28.28 1.14 -0.83
CA SER C 162 -27.58 1.75 0.27
C SER C 162 -26.41 2.67 -0.02
N SER C 163 -25.86 2.54 -1.22
CA SER C 163 -24.71 3.36 -1.59
C SER C 163 -24.96 4.46 -2.62
N CYS C 164 -24.39 5.62 -2.36
CA CYS C 164 -24.52 6.74 -3.26
C CYS C 164 -23.16 7.21 -3.75
N THR C 165 -23.11 7.65 -5.00
CA THR C 165 -21.87 8.11 -5.57
C THR C 165 -21.95 9.51 -6.21
N MET C 166 -21.03 10.35 -5.81
CA MET C 166 -20.93 11.68 -6.34
C MET C 166 -19.56 11.74 -7.02
N VAL C 167 -19.57 12.17 -8.28
CA VAL C 167 -18.34 12.27 -9.03
C VAL C 167 -17.82 13.70 -8.93
N VAL C 168 -16.51 13.82 -8.80
CA VAL C 168 -15.89 15.11 -8.75
C VAL C 168 -15.30 15.26 -10.15
N PRO C 169 -15.94 16.10 -10.95
CA PRO C 169 -15.47 16.32 -12.30
C PRO C 169 -14.19 17.17 -12.38
N TRP C 170 -13.23 16.65 -13.11
CA TRP C 170 -11.97 17.32 -13.29
C TRP C 170 -12.06 18.74 -13.85
N ILE C 171 -12.02 19.69 -12.93
CA ILE C 171 -12.10 21.08 -13.29
C ILE C 171 -10.89 21.74 -12.64
N SER C 172 -9.90 22.06 -13.45
CA SER C 172 -8.69 22.68 -12.94
C SER C 172 -8.00 23.58 -13.97
N ASN C 173 -7.34 24.60 -13.45
CA ASN C 173 -6.63 25.53 -14.31
C ASN C 173 -5.51 24.87 -15.12
N THR C 174 -4.76 24.02 -14.45
CA THR C 174 -3.66 23.33 -15.07
C THR C 174 -4.10 21.94 -15.51
N THR C 175 -3.36 21.40 -16.47
CA THR C 175 -3.63 20.08 -16.98
C THR C 175 -3.27 18.98 -15.95
N TYR C 176 -2.43 19.36 -15.01
CA TYR C 176 -2.01 18.47 -13.96
C TYR C 176 -1.82 19.22 -12.64
N ARG C 177 -2.34 18.64 -11.58
CA ARG C 177 -2.20 19.24 -10.26
C ARG C 177 -1.02 18.69 -9.47
N GLN C 178 -0.42 19.54 -8.67
CA GLN C 178 0.69 19.11 -7.84
C GLN C 178 0.19 18.11 -6.80
N THR C 179 1.03 17.16 -6.48
CA THR C 179 0.67 16.15 -5.49
C THR C 179 0.96 16.63 -4.06
N ILE C 180 1.13 17.93 -3.92
CA ILE C 180 1.36 18.54 -2.64
C ILE C 180 0.43 19.75 -2.46
N ASP C 181 0.30 20.16 -1.21
CA ASP C 181 -0.53 21.32 -0.92
C ASP C 181 0.02 22.55 -1.62
N ASP C 182 -0.76 23.06 -2.55
CA ASP C 182 -0.38 24.24 -3.29
C ASP C 182 -1.61 25.04 -3.72
N SER C 183 -1.48 26.34 -3.57
CA SER C 183 -2.53 27.25 -3.92
C SER C 183 -2.77 27.25 -5.43
N PHE C 184 -1.69 27.38 -6.17
CA PHE C 184 -1.78 27.42 -7.61
C PHE C 184 -2.47 26.21 -8.24
N THR C 185 -2.34 25.08 -7.57
CA THR C 185 -2.95 23.86 -8.04
C THR C 185 -4.01 23.32 -7.08
N GLU C 186 -4.63 24.23 -6.36
CA GLU C 186 -5.67 23.85 -5.42
C GLU C 186 -6.81 23.06 -6.06
N GLY C 187 -7.48 22.27 -5.25
CA GLY C 187 -8.55 21.43 -5.74
C GLY C 187 -10.00 21.71 -5.42
N GLY C 188 -10.23 22.47 -4.37
CA GLY C 188 -11.59 22.80 -3.98
C GLY C 188 -12.06 22.16 -2.68
N TYR C 189 -13.37 21.95 -2.58
CA TYR C 189 -13.93 21.41 -1.36
C TYR C 189 -15.08 20.39 -1.50
N ILE C 190 -14.95 19.32 -0.74
CA ILE C 190 -15.94 18.28 -0.71
C ILE C 190 -16.68 18.43 0.63
N SER C 191 -17.99 18.52 0.53
CA SER C 191 -18.81 18.70 1.71
C SER C 191 -20.07 17.83 1.77
N VAL C 192 -20.48 17.51 2.99
CA VAL C 192 -21.66 16.71 3.20
C VAL C 192 -22.57 17.38 4.23
N PHE C 193 -23.79 17.66 3.80
CA PHE C 193 -24.77 18.29 4.66
C PHE C 193 -26.09 17.55 4.68
N TYR C 194 -26.81 17.66 5.79
CA TYR C 194 -28.10 17.03 5.90
C TYR C 194 -29.09 17.72 4.98
N GLN C 195 -29.67 16.97 4.06
CA GLN C 195 -30.65 17.57 3.15
C GLN C 195 -31.95 17.80 3.92
N THR C 196 -32.43 16.75 4.55
CA THR C 196 -33.62 16.84 5.37
C THR C 196 -33.07 16.62 6.79
N ARG C 197 -33.19 15.38 7.24
CA ARG C 197 -32.66 14.99 8.52
C ARG C 197 -32.76 13.46 8.55
N ILE C 198 -32.26 12.88 9.63
CA ILE C 198 -32.36 11.45 9.79
C ILE C 198 -33.59 11.19 10.67
N VAL C 199 -34.40 10.25 10.23
CA VAL C 199 -35.61 9.91 10.94
C VAL C 199 -35.62 8.42 11.25
N VAL C 200 -35.91 8.10 12.50
CA VAL C 200 -35.99 6.72 12.92
C VAL C 200 -37.22 6.55 13.80
N PRO C 201 -37.87 5.41 13.66
CA PRO C 201 -39.04 5.17 14.53
C PRO C 201 -38.59 4.78 15.92
N LEU C 202 -39.54 4.37 16.75
CA LEU C 202 -39.20 3.98 18.11
C LEU C 202 -38.36 2.71 18.21
N SER C 203 -37.70 2.55 19.34
CA SER C 203 -36.87 1.39 19.58
C SER C 203 -35.78 1.19 18.52
N THR C 204 -35.27 2.30 18.04
CA THR C 204 -34.27 2.26 16.98
C THR C 204 -33.08 3.09 17.39
N PRO C 205 -31.88 2.58 17.08
CA PRO C 205 -30.69 3.36 17.40
C PRO C 205 -30.75 4.74 16.72
N ARG C 206 -30.71 5.77 17.56
CA ARG C 206 -30.83 7.12 17.08
C ARG C 206 -29.61 7.74 16.38
N GLU C 207 -28.53 6.99 16.39
CA GLU C 207 -27.31 7.42 15.77
C GLU C 207 -26.68 6.21 15.08
N MET C 208 -26.12 6.45 13.91
CA MET C 208 -25.48 5.39 13.15
C MET C 208 -24.28 5.94 12.39
N ASP C 209 -23.67 5.09 11.59
CA ASP C 209 -22.48 5.51 10.86
C ASP C 209 -22.52 5.45 9.32
N ILE C 210 -21.71 6.29 8.70
CA ILE C 210 -21.58 6.27 7.26
C ILE C 210 -20.11 6.10 6.90
N LEU C 211 -19.87 5.25 5.90
CA LEU C 211 -18.51 4.98 5.48
C LEU C 211 -18.22 5.57 4.11
N GLY C 212 -17.06 6.20 4.00
CA GLY C 212 -16.67 6.82 2.75
C GLY C 212 -15.56 6.12 1.97
N PHE C 213 -15.71 6.13 0.66
CA PHE C 213 -14.75 5.51 -0.21
C PHE C 213 -14.37 6.51 -1.31
N VAL C 214 -13.18 6.31 -1.86
CA VAL C 214 -12.71 7.17 -2.92
C VAL C 214 -11.99 6.32 -3.97
N SER C 215 -12.10 6.75 -5.21
CA SER C 215 -11.46 6.06 -6.31
C SER C 215 -11.33 6.96 -7.55
N ALA C 216 -10.25 6.73 -8.27
CA ALA C 216 -9.98 7.46 -9.48
C ALA C 216 -10.91 6.92 -10.57
N CYS C 217 -10.96 7.65 -11.67
CA CYS C 217 -11.81 7.25 -12.78
C CYS C 217 -10.97 6.90 -14.00
N ASN C 218 -11.59 6.23 -14.95
CA ASN C 218 -10.89 5.84 -16.16
C ASN C 218 -10.02 6.93 -16.82
N ASP C 219 -10.41 8.17 -16.58
CA ASP C 219 -9.68 9.28 -17.16
C ASP C 219 -8.50 9.82 -16.34
N PHE C 220 -8.32 9.24 -15.17
CA PHE C 220 -7.27 9.66 -14.27
C PHE C 220 -5.87 9.11 -14.62
N SER C 221 -4.89 9.94 -14.36
CA SER C 221 -3.51 9.57 -14.61
C SER C 221 -2.52 10.24 -13.64
N VAL C 222 -1.33 9.69 -13.60
CA VAL C 222 -0.29 10.23 -12.76
C VAL C 222 1.05 10.28 -13.49
N ARG C 223 1.80 11.34 -13.22
CA ARG C 223 3.10 11.49 -13.88
C ARG C 223 4.26 12.01 -13.00
N LEU C 224 5.46 11.89 -13.56
CA LEU C 224 6.66 12.27 -12.91
C LEU C 224 6.87 11.49 -11.60
N LEU C 225 7.39 10.29 -11.76
CA LEU C 225 7.63 9.41 -10.64
C LEU C 225 8.55 10.02 -9.59
N ARG C 226 8.20 9.81 -8.33
CA ARG C 226 8.98 10.37 -7.25
C ARG C 226 9.00 9.50 -5.99
N ASP C 227 9.89 9.82 -5.08
CA ASP C 227 9.98 9.09 -3.83
C ASP C 227 9.00 9.59 -2.77
N THR C 228 8.38 8.64 -2.09
CA THR C 228 7.40 8.95 -1.08
C THR C 228 7.95 9.30 0.31
N THR C 229 7.12 9.96 1.08
CA THR C 229 7.48 10.36 2.42
C THR C 229 6.78 9.52 3.50
N HIS C 230 5.80 8.76 3.06
CA HIS C 230 5.04 7.92 3.95
C HIS C 230 5.79 6.71 4.53
N ILE C 231 7.11 6.80 4.49
CA ILE C 231 7.96 5.78 5.02
C ILE C 231 9.41 6.32 5.07
N GLU C 232 10.14 5.81 6.05
CA GLU C 232 11.51 6.21 6.23
C GLU C 232 12.32 5.19 7.07
N GLN C 233 13.62 5.32 6.97
CA GLN C 233 14.50 4.43 7.71
C GLN C 233 15.51 5.26 8.50
N LYS C 234 15.19 5.48 9.77
CA LYS C 234 16.09 6.23 10.63
C LYS C 234 17.28 5.36 11.08
N ALA C 235 18.43 5.70 10.53
CA ALA C 235 19.64 4.98 10.81
C ALA C 235 19.64 3.48 10.42
C1 MYR D 1 21.03 -6.81 -37.60
O1 MYR D 1 21.63 -6.27 -36.63
C2 MYR D 1 21.43 -6.44 -39.02
C3 MYR D 1 21.66 -4.93 -39.20
C4 MYR D 1 23.14 -4.56 -39.06
C5 MYR D 1 23.34 -3.55 -37.93
C6 MYR D 1 24.81 -3.35 -37.54
C7 MYR D 1 25.18 -4.27 -36.37
C8 MYR D 1 25.87 -3.55 -35.21
C9 MYR D 1 27.04 -4.34 -34.63
C10 MYR D 1 26.61 -5.53 -33.76
C11 MYR D 1 27.74 -6.54 -33.61
C12 MYR D 1 27.32 -7.79 -32.83
C13 MYR D 1 27.91 -7.88 -31.41
C14 MYR D 1 28.34 -9.28 -31.03
N GLY D 2 19.94 -7.56 -37.30
CA GLY D 2 18.47 -7.69 -37.03
C GLY D 2 18.02 -6.57 -36.10
N ALA D 3 18.04 -5.36 -36.63
CA ALA D 3 17.66 -4.20 -35.87
C ALA D 3 16.16 -4.09 -35.56
N GLN D 4 15.88 -3.53 -34.40
CA GLN D 4 14.50 -3.29 -34.01
C GLN D 4 14.20 -1.79 -34.08
N VAL D 5 13.38 -1.43 -35.04
CA VAL D 5 13.01 -0.04 -35.21
C VAL D 5 11.62 0.19 -34.61
N SER D 6 11.57 1.08 -33.64
CA SER D 6 10.32 1.41 -32.99
C SER D 6 10.08 2.92 -33.00
N SER D 7 8.81 3.28 -32.97
CA SER D 7 8.43 4.67 -32.99
C SER D 7 8.35 5.32 -31.61
N GLN D 8 8.56 6.62 -31.58
CA GLN D 8 8.51 7.36 -30.33
C GLN D 8 7.28 8.26 -30.25
N LYS D 9 6.79 8.45 -29.04
CA LYS D 9 5.64 9.31 -28.83
C LYS D 9 6.18 10.73 -28.62
N VAL D 10 6.14 11.49 -29.71
CA VAL D 10 6.68 12.84 -29.69
C VAL D 10 5.94 13.76 -28.71
N GLY D 11 6.72 14.42 -27.88
CA GLY D 11 6.18 15.34 -26.91
C GLY D 11 6.36 16.80 -27.33
N ALA D 12 7.53 17.33 -27.05
CA ALA D 12 7.83 18.70 -27.43
C ALA D 12 8.25 18.68 -28.89
N HIS D 13 7.41 19.24 -29.73
CA HIS D 13 7.69 19.27 -31.15
C HIS D 13 8.63 20.41 -31.55
N GLU D 14 9.74 20.03 -32.17
CA GLU D 14 10.70 21.01 -32.62
C GLU D 14 10.09 21.63 -33.86
N ASN D 15 10.49 22.85 -34.16
CA ASN D 15 9.95 23.54 -35.31
C ASN D 15 10.25 22.89 -36.66
N SER D 16 10.17 21.57 -36.69
CA SER D 16 10.46 20.84 -37.90
C SER D 16 9.45 19.75 -38.34
N ASN D 17 9.40 19.56 -39.64
CA ASN D 17 8.54 18.57 -40.23
C ASN D 17 9.24 18.21 -41.56
N ARG D 18 10.56 18.25 -41.48
CA ARG D 18 11.39 17.97 -42.61
C ARG D 18 12.66 17.30 -42.02
N ALA D 19 12.44 16.70 -40.87
CA ALA D 19 13.49 16.01 -40.17
C ALA D 19 12.98 15.52 -38.80
N TYR D 20 12.51 16.48 -38.01
CA TYR D 20 12.02 16.19 -36.69
C TYR D 20 10.50 16.42 -36.61
N GLY D 21 10.08 16.98 -35.49
CA GLY D 21 8.69 17.27 -35.27
C GLY D 21 7.68 16.40 -36.01
N GLY D 22 7.61 16.60 -37.31
CA GLY D 22 6.66 15.87 -38.12
C GLY D 22 6.84 14.37 -38.39
N SER D 23 7.21 14.07 -39.62
CA SER D 23 7.38 12.69 -40.05
C SER D 23 7.89 11.67 -39.05
N THR D 24 6.95 11.07 -38.33
CA THR D 24 7.26 10.06 -37.35
C THR D 24 8.69 9.65 -36.92
N ILE D 25 9.01 10.00 -35.69
CA ILE D 25 10.34 9.73 -35.18
C ILE D 25 10.52 8.31 -34.63
N ASN D 26 11.52 7.63 -35.17
CA ASN D 26 11.81 6.28 -34.76
C ASN D 26 13.16 6.07 -34.06
N TYR D 27 13.31 4.91 -33.46
CA TYR D 27 14.55 4.58 -32.80
C TYR D 27 14.98 3.12 -33.01
N THR D 28 16.28 2.93 -33.15
CA THR D 28 16.82 1.62 -33.38
C THR D 28 17.36 0.91 -32.13
N THR D 29 17.18 -0.39 -32.11
CA THR D 29 17.65 -1.21 -31.02
C THR D 29 18.11 -2.58 -31.52
N ILE D 30 19.27 -2.98 -31.07
CA ILE D 30 19.84 -4.25 -31.45
C ILE D 30 20.40 -4.88 -30.20
N ASN D 31 19.93 -6.08 -29.89
CA ASN D 31 20.40 -6.78 -28.71
C ASN D 31 21.84 -7.21 -28.87
N TYR D 32 22.58 -7.16 -27.79
CA TYR D 32 23.99 -7.54 -27.85
C TYR D 32 24.39 -8.86 -27.17
N TYR D 33 23.44 -9.44 -26.47
CA TYR D 33 23.70 -10.68 -25.77
C TYR D 33 22.69 -11.77 -26.12
N ARG D 34 23.05 -13.00 -25.83
CA ARG D 34 22.19 -14.12 -26.11
C ARG D 34 21.06 -14.33 -25.08
N ASP D 35 21.32 -13.86 -23.88
CA ASP D 35 20.36 -13.99 -22.81
C ASP D 35 19.26 -12.94 -22.83
N SER D 36 18.04 -13.40 -22.64
CA SER D 36 16.90 -12.52 -22.63
C SER D 36 16.97 -11.49 -21.47
N ALA D 37 17.58 -11.94 -20.40
CA ALA D 37 17.76 -11.13 -19.23
C ALA D 37 18.53 -9.83 -19.52
N SER D 38 19.51 -9.95 -20.38
CA SER D 38 20.36 -8.83 -20.74
C SER D 38 19.74 -7.64 -21.49
N ASN D 39 18.69 -7.93 -22.23
CA ASN D 39 18.02 -6.92 -23.00
C ASN D 39 17.59 -5.66 -22.24
N ALA D 40 17.38 -4.59 -22.98
CA ALA D 40 16.91 -3.36 -22.39
C ALA D 40 15.39 -3.42 -22.28
N ALA D 41 14.86 -2.83 -21.23
CA ALA D 41 13.43 -2.84 -21.01
C ALA D 41 12.62 -2.11 -22.09
N SER D 42 11.85 -2.89 -22.83
CA SER D 42 11.08 -2.34 -23.93
C SER D 42 10.14 -1.17 -23.71
N LYS D 43 9.39 -1.24 -22.63
CA LYS D 43 8.45 -0.17 -22.31
C LYS D 43 7.21 -0.06 -23.19
N GLN D 44 7.10 -0.98 -24.14
CA GLN D 44 5.95 -0.98 -25.03
C GLN D 44 4.93 -2.03 -24.52
N ASP D 45 4.45 -1.77 -23.33
CA ASP D 45 3.57 -2.64 -22.63
C ASP D 45 2.07 -2.38 -22.74
N PHE D 46 1.29 -3.43 -22.57
CA PHE D 46 -0.14 -3.33 -22.65
C PHE D 46 -0.79 -2.83 -21.35
N SER D 47 -2.03 -2.39 -21.49
CA SER D 47 -2.81 -1.92 -20.37
C SER D 47 -3.92 -2.95 -20.32
N GLN D 48 -4.82 -2.78 -19.38
CA GLN D 48 -5.96 -3.69 -19.28
C GLN D 48 -7.17 -3.19 -18.46
N ASP D 49 -8.21 -4.00 -18.49
CA ASP D 49 -9.43 -3.70 -17.80
C ASP D 49 -9.27 -3.97 -16.31
N PRO D 50 -9.53 -2.95 -15.52
CA PRO D 50 -9.45 -3.11 -14.07
C PRO D 50 -10.64 -3.80 -13.43
N SER D 51 -11.63 -4.12 -14.26
CA SER D 51 -12.81 -4.79 -13.77
C SER D 51 -12.58 -6.06 -12.95
N LYS D 52 -11.46 -6.71 -13.23
CA LYS D 52 -11.08 -7.88 -12.48
C LYS D 52 -10.84 -7.53 -11.00
N PHE D 53 -10.82 -6.24 -10.73
CA PHE D 53 -10.65 -5.75 -9.39
C PHE D 53 -11.84 -4.87 -9.01
N THR D 54 -12.31 -4.09 -9.96
CA THR D 54 -13.42 -3.20 -9.73
C THR D 54 -14.76 -3.92 -9.59
N GLU D 55 -15.01 -4.83 -10.49
CA GLU D 55 -16.26 -5.56 -10.48
C GLU D 55 -16.09 -7.06 -10.37
N PRO D 56 -15.66 -7.52 -9.19
CA PRO D 56 -15.44 -8.95 -9.03
C PRO D 56 -16.73 -9.76 -8.83
N ILE D 57 -17.78 -9.30 -9.48
CA ILE D 57 -19.07 -9.93 -9.36
C ILE D 57 -19.42 -10.97 -10.45
N LYS D 58 -20.22 -11.94 -10.05
CA LYS D 58 -20.62 -12.99 -10.96
C LYS D 58 -21.58 -12.56 -12.07
N ASP D 59 -22.52 -11.71 -11.69
CA ASP D 59 -23.49 -11.19 -12.64
C ASP D 59 -23.11 -9.75 -13.03
N VAL D 60 -22.96 -9.56 -14.32
CA VAL D 60 -22.58 -8.27 -14.86
C VAL D 60 -23.17 -6.99 -14.24
N LEU D 61 -22.28 -6.04 -14.03
CA LEU D 61 -22.67 -4.77 -13.47
C LEU D 61 -23.11 -3.73 -14.52
N ILE D 62 -24.36 -3.35 -14.42
CA ILE D 62 -24.93 -2.37 -15.33
C ILE D 62 -25.21 -1.08 -14.55
N LYS D 63 -24.33 -0.12 -14.75
CA LYS D 63 -24.43 1.14 -14.03
C LYS D 63 -25.77 1.89 -13.99
N THR D 64 -26.51 1.76 -15.07
CA THR D 64 -27.79 2.40 -15.20
C THR D 64 -29.01 1.86 -14.41
N ALA D 65 -28.87 0.64 -13.96
CA ALA D 65 -29.93 -0.01 -13.23
C ALA D 65 -29.65 -0.18 -11.74
N PRO D 66 -30.69 -0.61 -11.01
CA PRO D 66 -30.47 -0.82 -9.58
C PRO D 66 -29.52 -1.99 -9.27
N MET D 67 -28.48 -1.68 -8.53
CA MET D 67 -27.49 -2.68 -8.18
C MET D 67 -28.01 -4.04 -7.70
N LEU D 68 -28.90 -3.96 -6.73
CA LEU D 68 -29.50 -5.14 -6.17
C LEU D 68 -30.95 -5.26 -6.67
N ASN D 69 -31.14 -6.23 -7.54
CA ASN D 69 -32.43 -6.45 -8.14
C ASN D 69 -32.89 -7.90 -7.91
N GLN E 1 20.90 21.18 2.64
CA GLN E 1 21.42 21.30 4.03
C GLN E 1 21.08 22.69 4.58
N VAL E 2 19.87 23.12 4.27
CA VAL E 2 19.37 24.38 4.75
C VAL E 2 18.99 23.95 6.19
N GLN E 3 19.92 24.25 7.10
CA GLN E 3 19.74 23.87 8.48
C GLN E 3 18.92 24.87 9.32
N LEU E 4 17.72 24.44 9.66
CA LEU E 4 16.86 25.25 10.49
C LEU E 4 16.89 24.62 11.88
N GLN E 5 17.38 25.39 12.83
CA GLN E 5 17.47 24.92 14.20
C GLN E 5 16.87 25.89 15.24
N GLU E 6 15.76 25.44 15.81
CA GLU E 6 15.07 26.23 16.79
C GLU E 6 15.75 26.27 18.17
N SER E 7 15.38 27.28 18.94
CA SER E 7 15.89 27.44 20.27
C SER E 7 14.89 28.38 20.95
N GLY E 8 14.99 28.44 22.27
CA GLY E 8 14.11 29.30 23.04
C GLY E 8 13.46 28.69 24.28
N GLY E 9 13.56 27.37 24.38
CA GLY E 9 13.01 26.67 25.51
C GLY E 9 11.49 26.72 25.64
N GLY E 10 11.02 26.36 26.82
CA GLY E 10 9.60 26.37 27.09
C GLY E 10 9.25 25.78 28.45
N SER E 11 9.28 26.62 29.45
CA SER E 11 8.97 26.18 30.80
C SER E 11 8.61 27.36 31.73
N ALA E 12 7.95 28.35 31.15
CA ALA E 12 7.58 29.53 31.90
C ALA E 12 6.25 29.40 32.66
N GLN E 13 6.08 30.31 33.61
CA GLN E 13 4.87 30.36 34.39
C GLN E 13 3.85 31.08 33.52
N THR E 14 2.60 31.01 33.91
CA THR E 14 1.55 31.66 33.15
C THR E 14 1.62 33.21 33.20
N GLY E 15 1.83 33.77 32.03
CA GLY E 15 1.90 35.21 31.88
C GLY E 15 3.23 35.85 31.46
N GLY E 16 4.28 35.05 31.51
CA GLY E 16 5.60 35.53 31.18
C GLY E 16 5.93 35.76 29.70
N SER E 17 7.18 35.53 29.37
CA SER E 17 7.65 35.71 28.02
C SER E 17 8.92 34.90 27.66
N LEU E 18 8.95 34.46 26.43
CA LEU E 18 10.09 33.70 25.94
C LEU E 18 10.58 34.19 24.59
N ARG E 19 11.85 33.93 24.32
CA ARG E 19 12.41 34.34 23.04
C ARG E 19 12.80 33.12 22.15
N LEU E 20 11.91 32.82 21.23
CA LEU E 20 12.12 31.71 20.35
C LEU E 20 12.93 32.10 19.11
N SER E 21 14.09 31.50 18.98
CA SER E 21 14.98 31.80 17.88
C SER E 21 15.09 30.65 16.87
N CYS E 22 15.74 30.95 15.75
CA CYS E 22 15.96 29.96 14.73
C CYS E 22 17.16 30.30 13.81
N ALA E 23 18.17 29.46 13.92
CA ALA E 23 19.36 29.62 13.13
C ALA E 23 19.11 29.04 11.74
N ALA E 24 19.37 29.85 10.73
CA ALA E 24 19.17 29.41 9.36
C ALA E 24 20.45 29.41 8.54
N SER E 25 20.54 28.43 7.65
CA SER E 25 21.71 28.31 6.80
C SER E 25 21.33 27.79 5.41
N GLY E 26 22.26 27.12 4.78
CA GLY E 26 22.04 26.60 3.45
C GLY E 26 21.84 27.77 2.50
N PHE E 27 20.91 27.62 1.58
CA PHE E 27 20.59 28.73 0.70
C PHE E 27 19.10 29.09 0.83
N THR E 28 18.86 30.10 1.65
CA THR E 28 17.53 30.60 1.84
C THR E 28 17.54 31.73 0.80
N PHE E 29 16.79 31.50 -0.27
CA PHE E 29 16.66 32.47 -1.32
C PHE E 29 15.69 33.51 -0.71
N SER E 30 16.31 34.51 -0.09
CA SER E 30 15.55 35.54 0.58
C SER E 30 14.08 35.73 0.17
N HIS E 31 13.90 36.18 -1.05
CA HIS E 31 12.58 36.45 -1.56
C HIS E 31 11.53 35.34 -1.32
N GLY E 32 10.53 35.72 -0.56
CA GLY E 32 9.47 34.81 -0.18
C GLY E 32 9.19 35.24 1.24
N TYR E 33 9.00 34.26 2.11
CA TYR E 33 8.73 34.55 3.50
C TYR E 33 9.56 33.70 4.47
N MET E 34 9.29 33.88 5.75
CA MET E 34 9.95 33.15 6.79
C MET E 34 8.95 33.20 7.93
N ALA E 35 8.68 32.05 8.52
CA ALA E 35 7.63 32.00 9.54
C ALA E 35 7.72 31.09 10.79
N TRP E 36 6.59 31.00 11.46
CA TRP E 36 6.47 30.16 12.63
C TRP E 36 5.17 29.33 12.63
N PHE E 37 5.32 28.10 13.08
CA PHE E 37 4.19 27.20 13.17
C PHE E 37 4.16 26.42 14.48
N ARG E 38 2.95 26.15 14.95
CA ARG E 38 2.80 25.37 16.16
C ARG E 38 1.95 24.14 15.87
N GLN E 39 2.28 23.05 16.54
CA GLN E 39 1.52 21.82 16.36
C GLN E 39 0.52 21.59 17.49
N ALA E 40 0.87 22.11 18.65
CA ALA E 40 0.04 21.94 19.82
C ALA E 40 0.16 20.54 20.39
N PRO E 41 -0.26 20.40 21.65
CA PRO E 41 -0.19 19.05 22.23
C PRO E 41 -1.06 18.06 21.47
N GLU E 42 -2.35 18.37 21.41
CA GLU E 42 -3.27 17.50 20.69
C GLU E 42 -4.28 18.25 19.79
N LYS E 43 -3.74 18.78 18.70
CA LYS E 43 -4.53 19.49 17.74
C LYS E 43 -3.78 19.38 16.42
N GLU E 44 -4.30 20.06 15.41
CA GLU E 44 -3.66 20.06 14.11
C GLU E 44 -2.57 21.12 14.14
N ARG E 45 -1.58 20.95 13.28
CA ARG E 45 -0.52 21.93 13.19
C ARG E 45 -1.20 23.21 12.72
N GLU E 46 -0.86 24.30 13.38
CA GLU E 46 -1.45 25.58 13.05
C GLU E 46 -0.38 26.67 12.77
N TRP E 47 -0.74 27.55 11.87
CA TRP E 47 0.11 28.66 11.51
C TRP E 47 0.11 29.71 12.62
N VAL E 48 1.31 30.13 12.98
CA VAL E 48 1.45 31.14 14.01
C VAL E 48 1.58 32.51 13.36
N ALA E 49 2.71 32.75 12.72
CA ALA E 49 2.96 34.03 12.10
C ALA E 49 4.00 33.97 10.99
N CYS E 50 3.89 34.90 10.05
CA CYS E 50 4.82 34.96 8.96
C CYS E 50 5.37 36.38 8.72
N VAL E 51 6.66 36.44 8.49
CA VAL E 51 7.32 37.70 8.21
C VAL E 51 7.92 37.60 6.80
N ARG E 52 7.95 38.74 6.14
CA ARG E 52 8.48 38.81 4.81
C ARG E 52 10.01 38.66 4.73
N THR E 53 10.44 38.17 3.58
CA THR E 53 11.85 37.98 3.32
C THR E 53 12.90 38.70 4.18
N SER E 54 13.00 39.99 3.95
CA SER E 54 13.91 40.81 4.69
C SER E 54 13.03 41.93 5.23
N GLY E 55 11.90 42.11 4.58
CA GLY E 55 10.95 43.13 4.98
C GLY E 55 10.33 42.81 6.33
N VAL E 56 10.12 43.85 7.11
CA VAL E 56 9.55 43.68 8.44
C VAL E 56 8.01 43.79 8.39
N SER E 57 7.48 43.40 7.25
CA SER E 57 6.06 43.36 7.04
C SER E 57 5.65 41.94 7.42
N ALA E 58 4.73 41.88 8.37
CA ALA E 58 4.27 40.60 8.87
C ALA E 58 2.77 40.56 9.24
N TYR E 59 2.37 39.43 9.75
CA TYR E 59 1.01 39.23 10.18
C TYR E 59 1.08 38.34 11.40
N TYR E 60 -0.05 38.20 12.07
CA TYR E 60 -0.12 37.34 13.24
C TYR E 60 -1.41 36.53 13.19
N ALA E 61 -1.42 35.43 13.91
CA ALA E 61 -2.62 34.60 13.97
C ALA E 61 -3.63 35.21 14.93
N ASP E 62 -4.89 35.10 14.57
CA ASP E 62 -5.96 35.64 15.40
C ASP E 62 -5.77 35.31 16.89
N SER E 63 -5.44 34.06 17.14
CA SER E 63 -5.24 33.60 18.49
C SER E 63 -4.09 34.24 19.24
N VAL E 64 -3.03 34.53 18.50
CA VAL E 64 -1.84 35.11 19.11
C VAL E 64 -1.66 36.63 19.04
N LEU E 65 -2.50 37.25 18.25
CA LEU E 65 -2.44 38.69 18.05
C LEU E 65 -1.84 39.61 19.12
N GLY E 66 -0.75 40.26 18.74
CA GLY E 66 -0.08 41.18 19.64
C GLY E 66 0.72 40.58 20.79
N ARG E 67 0.38 39.36 21.14
CA ARG E 67 1.05 38.69 22.23
C ARG E 67 2.32 37.93 21.79
N PHE E 68 2.50 37.88 20.49
CA PHE E 68 3.65 37.24 19.90
C PHE E 68 4.25 38.27 18.96
N THR E 69 5.56 38.27 18.88
CA THR E 69 6.26 39.20 18.02
C THR E 69 7.34 38.44 17.22
N ILE E 70 7.20 38.52 15.92
CA ILE E 70 8.14 37.85 15.04
C ILE E 70 8.93 38.84 14.19
N SER E 71 10.24 38.81 14.37
CA SER E 71 11.11 39.68 13.60
C SER E 71 12.22 38.87 12.92
N GLN E 72 13.28 39.58 12.54
CA GLN E 72 14.37 38.95 11.85
C GLN E 72 15.66 39.78 11.92
N ASP E 73 16.76 39.12 11.59
CA ASP E 73 18.04 39.78 11.56
C ASP E 73 18.79 39.05 10.44
N ASN E 74 18.56 39.52 9.22
CA ASN E 74 19.20 38.91 8.07
C ASN E 74 20.72 39.08 7.98
N ALA E 75 21.23 39.87 8.90
CA ALA E 75 22.67 40.05 9.02
C ALA E 75 23.15 38.80 9.77
N LYS E 76 22.38 38.44 10.77
CA LYS E 76 22.68 37.28 11.57
C LYS E 76 21.92 36.06 11.04
N SER E 77 21.22 36.28 9.94
CA SER E 77 20.44 35.25 9.31
C SER E 77 19.59 34.44 10.33
N THR E 78 18.82 35.19 11.10
CA THR E 78 18.00 34.61 12.12
C THR E 78 16.60 35.26 12.12
N LEU E 79 15.69 34.57 12.76
CA LEU E 79 14.35 35.08 12.93
C LEU E 79 14.03 34.89 14.41
N TYR E 80 13.27 35.83 14.94
CA TYR E 80 12.95 35.80 16.36
C TYR E 80 11.44 35.84 16.68
N LEU E 81 11.10 35.13 17.75
CA LEU E 81 9.74 35.08 18.19
C LEU E 81 9.63 35.40 19.70
N GLN E 82 9.44 36.68 19.97
CA GLN E 82 9.28 37.12 21.33
C GLN E 82 7.80 36.82 21.63
N MET E 83 7.57 36.33 22.83
CA MET E 83 6.22 35.97 23.21
C MET E 83 5.86 36.46 24.61
N ASN E 84 5.05 37.50 24.66
CA ASN E 84 4.62 38.06 25.92
C ASN E 84 3.21 37.58 26.25
N ASN E 85 2.94 37.43 27.53
CA ASN E 85 1.64 36.97 27.97
C ASN E 85 1.31 35.51 27.54
N LEU E 86 2.20 34.64 27.95
CA LEU E 86 2.07 33.23 27.66
C LEU E 86 0.90 32.68 28.45
N LYS E 87 0.16 31.77 27.82
CA LYS E 87 -1.00 31.19 28.49
C LYS E 87 -1.22 29.68 28.30
N PRO E 88 -2.18 29.16 29.04
CA PRO E 88 -2.49 27.75 28.93
C PRO E 88 -2.92 27.22 27.57
N GLU E 89 -3.14 28.13 26.65
CA GLU E 89 -3.52 27.75 25.30
C GLU E 89 -2.25 27.78 24.39
N ASP E 90 -1.29 28.54 24.87
CA ASP E 90 -0.04 28.69 24.16
C ASP E 90 0.94 27.55 24.41
N THR E 91 0.64 26.75 25.41
CA THR E 91 1.46 25.62 25.74
C THR E 91 1.45 24.68 24.53
N ALA E 92 2.61 24.57 23.89
CA ALA E 92 2.72 23.74 22.71
C ALA E 92 4.13 23.72 22.12
N MET E 93 4.27 22.99 21.03
CA MET E 93 5.53 22.97 20.32
C MET E 93 5.55 24.05 19.24
N TYR E 94 6.70 24.64 19.05
CA TYR E 94 6.85 25.68 18.06
C TYR E 94 7.91 25.35 16.99
N TYR E 95 7.56 25.66 15.75
CA TYR E 95 8.44 25.37 14.64
C TYR E 95 8.77 26.57 13.75
N CYS E 96 10.04 26.67 13.41
CA CYS E 96 10.48 27.73 12.52
C CYS E 96 10.38 27.18 11.09
N ALA E 97 9.32 27.58 10.43
CA ALA E 97 9.08 27.19 9.07
C ALA E 97 9.38 28.45 8.25
N ALA E 98 10.61 28.52 7.77
CA ALA E 98 11.05 29.66 7.02
C ALA E 98 11.75 29.32 5.69
N THR E 99 10.95 29.12 4.67
CA THR E 99 11.47 28.80 3.36
C THR E 99 10.37 28.86 2.31
N SER E 100 10.71 29.43 1.17
CA SER E 100 9.74 29.54 0.10
C SER E 100 8.55 30.42 0.52
N ILE E 101 7.54 29.75 1.03
CA ILE E 101 6.35 30.40 1.52
C ILE E 101 5.51 31.18 0.49
N SER E 102 6.01 32.34 0.12
CA SER E 102 5.29 33.21 -0.78
C SER E 102 3.96 33.69 -0.19
N CYS E 103 3.58 33.05 0.89
CA CYS E 103 2.30 33.33 1.52
C CYS E 103 2.26 33.10 3.04
N SER E 104 1.75 31.92 3.39
CA SER E 104 1.65 31.52 4.76
C SER E 104 1.27 30.05 4.82
N SER E 105 1.80 29.29 3.89
CA SER E 105 1.47 27.88 3.81
C SER E 105 2.41 26.88 3.14
N GLY E 106 3.14 27.36 2.15
CA GLY E 106 4.04 26.50 1.41
C GLY E 106 5.45 26.37 1.95
N TYR E 107 5.94 25.14 1.98
CA TYR E 107 7.28 24.90 2.51
C TYR E 107 8.09 23.74 1.94
N MET E 108 9.40 23.85 2.10
CA MET E 108 10.30 22.82 1.67
C MET E 108 11.35 22.58 2.77
N PHE E 109 11.24 23.35 3.83
CA PHE E 109 12.14 23.20 4.96
C PHE E 109 11.48 23.58 6.29
N TRP E 110 11.59 22.66 7.23
CA TRP E 110 11.06 22.86 8.56
C TRP E 110 12.25 22.65 9.50
N GLY E 111 11.95 22.68 10.79
CA GLY E 111 12.96 22.46 11.79
C GLY E 111 12.61 21.22 12.61
N GLN E 112 13.33 21.04 13.69
CA GLN E 112 13.07 19.91 14.57
C GLN E 112 12.05 20.30 15.66
N GLY E 113 11.90 21.61 15.83
CA GLY E 113 10.98 22.12 16.80
C GLY E 113 11.44 22.11 18.27
N THR E 114 10.69 22.82 19.09
CA THR E 114 10.98 22.88 20.50
C THR E 114 9.64 23.01 21.22
N GLN E 115 9.61 22.53 22.45
CA GLN E 115 8.39 22.58 23.22
C GLN E 115 8.32 23.78 24.19
N VAL E 116 7.12 24.28 24.35
CA VAL E 116 6.88 25.38 25.25
C VAL E 116 5.81 24.89 26.23
N THR E 117 5.94 25.32 27.47
CA THR E 117 4.99 24.95 28.50
C THR E 117 4.72 26.14 29.44
N VAL E 118 3.47 26.57 29.42
CA VAL E 118 3.05 27.67 30.26
C VAL E 118 2.26 27.06 31.43
N SER E 119 2.98 26.85 32.50
CA SER E 119 2.39 26.17 33.65
C SER E 119 1.70 26.96 34.80
N SER E 120 0.44 26.62 35.00
CA SER E 120 -0.36 27.18 36.04
C SER E 120 -1.84 27.16 35.68
C1 PLM F . 11.11 -14.83 -3.36
O1 PLM F . 10.29 -15.33 -2.58
O2 PLM F . 11.51 -15.48 -4.36
C2 PLM F . 11.66 -13.42 -3.08
C3 PLM F . 11.89 -12.52 -4.31
C4 PLM F . 13.20 -11.75 -4.37
C5 PLM F . 13.97 -11.82 -5.69
C6 PLM F . 15.43 -11.43 -5.46
C7 PLM F . 16.38 -12.14 -6.42
C8 PLM F . 17.81 -12.13 -5.90
C9 PLM F . 18.64 -13.08 -6.75
CA PLM F . 20.12 -13.04 -6.39
CB PLM F . 20.95 -13.99 -7.26
CC PLM F . 22.13 -13.28 -7.95
CD PLM F . 22.81 -14.19 -8.97
CE PLM F . 24.09 -13.73 -9.65
CF PLM F . 24.81 -12.51 -9.09
CG PLM F . 26.17 -12.34 -9.75
#